data_2L1Q
#
_entry.id   2L1Q
#
_entity_poly.entity_id   1
_entity_poly.type   'polypeptide(L)'
_entity_poly.pdbx_seq_one_letter_code
;MTPFWRGVSLRPIGASCRDDSECITRLCRKRRCSLSVAQE
;
_entity_poly.pdbx_strand_id   A
#
# COMPACT_ATOMS: atom_id res chain seq x y z
N MET A 1 11.59 8.13 2.04
CA MET A 1 10.66 6.99 2.06
C MET A 1 10.52 6.45 3.48
N THR A 2 9.44 6.81 4.15
CA THR A 2 9.21 6.38 5.53
C THR A 2 7.72 6.35 5.88
N PRO A 3 6.99 7.48 5.70
CA PRO A 3 5.56 7.53 6.03
C PRO A 3 4.69 6.79 5.00
N PHE A 4 4.69 5.47 5.07
CA PHE A 4 3.90 4.66 4.15
C PHE A 4 2.41 4.75 4.47
N TRP A 5 2.11 5.21 5.68
CA TRP A 5 0.73 5.34 6.12
C TRP A 5 0.35 6.81 6.30
N ARG A 6 0.74 7.63 5.34
CA ARG A 6 0.43 9.06 5.38
C ARG A 6 -0.11 9.55 4.04
N GLY A 7 -0.40 10.83 3.96
CA GLY A 7 -0.94 11.41 2.75
C GLY A 7 0.11 11.62 1.68
N VAL A 8 0.60 10.51 1.15
CA VAL A 8 1.61 10.54 0.10
C VAL A 8 0.95 10.74 -1.26
N SER A 9 1.75 10.73 -2.32
CA SER A 9 1.24 10.92 -3.67
C SER A 9 0.63 9.65 -4.23
N LEU A 10 0.57 8.64 -3.39
CA LEU A 10 0.02 7.36 -3.76
C LEU A 10 -0.95 6.92 -2.67
N ARG A 11 -1.31 5.66 -2.69
CA ARG A 11 -2.22 5.11 -1.71
C ARG A 11 -1.43 4.55 -0.53
N PRO A 12 -1.74 5.03 0.68
CA PRO A 12 -1.07 4.58 1.91
C PRO A 12 -1.45 3.13 2.24
N ILE A 13 -0.78 2.57 3.25
CA ILE A 13 -1.04 1.19 3.68
C ILE A 13 -2.51 0.96 3.98
N GLY A 14 -3.01 1.74 4.92
CA GLY A 14 -4.41 1.62 5.30
C GLY A 14 -5.36 2.20 4.28
N ALA A 15 -5.13 1.87 3.01
CA ALA A 15 -5.99 2.37 1.94
C ALA A 15 -6.34 1.26 0.96
N SER A 16 -7.26 1.58 0.05
CA SER A 16 -7.68 0.64 -0.97
C SER A 16 -6.76 0.69 -2.17
N CYS A 17 -6.73 -0.38 -2.94
CA CYS A 17 -5.86 -0.47 -4.09
C CYS A 17 -6.63 -0.78 -5.37
N ARG A 18 -5.96 -0.54 -6.48
CA ARG A 18 -6.50 -0.80 -7.82
C ARG A 18 -5.45 -1.54 -8.65
N ASP A 19 -4.19 -1.23 -8.36
CA ASP A 19 -3.03 -1.82 -9.01
C ASP A 19 -1.86 -1.62 -8.05
N ASP A 20 -0.84 -2.46 -8.09
CA ASP A 20 0.29 -2.30 -7.16
C ASP A 20 0.83 -0.87 -7.18
N SER A 21 0.88 -0.29 -8.38
CA SER A 21 1.39 1.06 -8.58
C SER A 21 0.57 2.09 -7.81
N GLU A 22 -0.68 1.75 -7.53
CA GLU A 22 -1.57 2.64 -6.78
C GLU A 22 -1.10 2.74 -5.34
N CYS A 23 -0.53 1.66 -4.82
CA CYS A 23 -0.06 1.64 -3.45
C CYS A 23 1.35 2.19 -3.37
N ILE A 24 1.62 2.92 -2.30
CA ILE A 24 2.93 3.52 -2.06
C ILE A 24 4.05 2.49 -2.10
N THR A 25 3.78 1.31 -1.56
CA THR A 25 4.77 0.24 -1.51
C THR A 25 4.74 -0.66 -2.74
N ARG A 26 3.91 -0.31 -3.72
CA ARG A 26 3.79 -1.10 -4.96
C ARG A 26 3.42 -2.55 -4.65
N LEU A 27 2.45 -2.73 -3.78
CA LEU A 27 2.00 -4.07 -3.40
C LEU A 27 0.49 -4.06 -3.22
N CYS A 28 -0.21 -4.57 -4.22
CA CYS A 28 -1.65 -4.63 -4.19
C CYS A 28 -2.13 -5.94 -3.58
N ARG A 29 -2.25 -5.95 -2.26
CA ARG A 29 -2.67 -7.13 -1.53
C ARG A 29 -4.19 -7.28 -1.56
N LYS A 30 -4.68 -8.06 -2.53
CA LYS A 30 -6.10 -8.33 -2.70
C LYS A 30 -6.91 -7.04 -2.78
N ARG A 31 -6.47 -6.15 -3.65
CA ARG A 31 -7.13 -4.87 -3.89
C ARG A 31 -6.98 -3.91 -2.69
N ARG A 32 -6.03 -4.21 -1.81
CA ARG A 32 -5.77 -3.35 -0.66
C ARG A 32 -4.28 -3.07 -0.58
N CYS A 33 -3.91 -2.00 0.09
CA CYS A 33 -2.50 -1.66 0.22
C CYS A 33 -1.92 -2.28 1.48
N SER A 34 -0.60 -2.41 1.49
CA SER A 34 0.12 -3.01 2.61
C SER A 34 1.62 -2.97 2.34
N LEU A 35 2.42 -3.34 3.33
CA LEU A 35 3.86 -3.37 3.19
C LEU A 35 4.24 -4.66 2.47
N SER A 36 5.47 -5.11 2.64
CA SER A 36 5.95 -6.35 2.04
C SER A 36 5.32 -7.56 2.74
N VAL A 37 4.00 -7.55 2.83
CA VAL A 37 3.24 -8.61 3.50
C VAL A 37 2.13 -9.12 2.58
N ALA A 38 2.51 -9.63 1.42
CA ALA A 38 1.55 -10.15 0.46
C ALA A 38 1.18 -11.60 0.77
N GLN A 39 0.67 -11.83 1.98
CA GLN A 39 0.27 -13.17 2.39
C GLN A 39 -1.02 -13.14 3.20
N GLU A 40 -2.08 -13.66 2.60
CA GLU A 40 -3.40 -13.74 3.23
C GLU A 40 -4.35 -14.42 2.28
N MET A 1 7.69 11.69 3.35
CA MET A 1 7.51 12.71 4.40
C MET A 1 7.52 12.03 5.76
N THR A 2 7.38 12.80 6.83
CA THR A 2 7.36 12.25 8.18
C THR A 2 6.25 11.19 8.32
N PRO A 3 4.97 11.54 8.04
CA PRO A 3 3.88 10.57 8.13
C PRO A 3 3.92 9.61 6.93
N PHE A 4 4.56 8.47 7.12
CA PHE A 4 4.72 7.46 6.07
C PHE A 4 3.37 7.04 5.47
N TRP A 5 2.35 6.95 6.30
CA TRP A 5 1.02 6.53 5.82
C TRP A 5 0.07 7.72 5.65
N ARG A 6 0.58 8.94 5.75
CA ARG A 6 -0.26 10.13 5.61
C ARG A 6 0.52 11.30 5.03
N GLY A 7 1.47 11.00 4.16
CA GLY A 7 2.27 12.06 3.56
C GLY A 7 2.94 11.61 2.28
N VAL A 8 2.16 11.02 1.39
CA VAL A 8 2.66 10.53 0.11
C VAL A 8 1.64 10.81 -0.98
N SER A 9 2.10 10.88 -2.22
CA SER A 9 1.24 11.14 -3.36
C SER A 9 0.61 9.86 -3.90
N LEU A 10 0.83 8.79 -3.17
CA LEU A 10 0.32 7.49 -3.53
C LEU A 10 -0.66 7.03 -2.47
N ARG A 11 -1.09 5.80 -2.60
CA ARG A 11 -2.03 5.20 -1.67
C ARG A 11 -1.27 4.50 -0.54
N PRO A 12 -1.50 4.94 0.70
CA PRO A 12 -0.84 4.37 1.88
C PRO A 12 -1.34 2.96 2.19
N ILE A 13 -0.73 2.34 3.18
CA ILE A 13 -1.10 0.98 3.59
C ILE A 13 -2.59 0.87 3.92
N GLY A 14 -3.07 1.79 4.74
CA GLY A 14 -4.46 1.79 5.13
C GLY A 14 -5.36 2.39 4.07
N ALA A 15 -5.21 1.93 2.84
CA ALA A 15 -6.03 2.41 1.74
C ALA A 15 -6.40 1.30 0.78
N SER A 16 -7.40 1.57 -0.05
CA SER A 16 -7.87 0.62 -1.04
C SER A 16 -6.92 0.62 -2.24
N CYS A 17 -6.92 -0.46 -3.00
CA CYS A 17 -6.03 -0.55 -4.13
C CYS A 17 -6.75 -0.98 -5.40
N ARG A 18 -6.12 -0.68 -6.53
CA ARG A 18 -6.62 -1.03 -7.85
C ARG A 18 -5.45 -1.39 -8.79
N ASP A 19 -4.24 -1.28 -8.27
CA ASP A 19 -3.01 -1.55 -8.99
C ASP A 19 -1.85 -1.35 -8.02
N ASP A 20 -0.81 -2.16 -8.13
CA ASP A 20 0.32 -2.02 -7.21
C ASP A 20 0.89 -0.61 -7.26
N SER A 21 0.87 -0.02 -8.46
CA SER A 21 1.39 1.33 -8.68
C SER A 21 0.65 2.35 -7.83
N GLU A 22 -0.59 2.05 -7.48
CA GLU A 22 -1.38 2.94 -6.65
C GLU A 22 -0.86 2.96 -5.23
N CYS A 23 -0.36 1.81 -4.78
CA CYS A 23 0.14 1.69 -3.42
C CYS A 23 1.56 2.24 -3.32
N ILE A 24 1.82 2.93 -2.22
CA ILE A 24 3.11 3.55 -1.96
C ILE A 24 4.26 2.56 -2.07
N THR A 25 4.05 1.34 -1.59
CA THR A 25 5.08 0.32 -1.62
C THR A 25 4.94 -0.64 -2.80
N ARG A 26 4.05 -0.31 -3.75
CA ARG A 26 3.81 -1.15 -4.92
C ARG A 26 3.49 -2.58 -4.48
N LEU A 27 2.43 -2.73 -3.70
CA LEU A 27 2.03 -4.03 -3.22
C LEU A 27 0.51 -4.08 -3.06
N CYS A 28 -0.15 -4.44 -4.15
CA CYS A 28 -1.60 -4.55 -4.17
C CYS A 28 -2.02 -5.93 -3.70
N ARG A 29 -2.33 -6.05 -2.41
CA ARG A 29 -2.70 -7.33 -1.84
C ARG A 29 -4.19 -7.39 -1.53
N LYS A 30 -4.88 -8.32 -2.18
CA LYS A 30 -6.32 -8.54 -1.96
C LYS A 30 -7.12 -7.25 -2.18
N ARG A 31 -6.74 -6.53 -3.23
CA ARG A 31 -7.39 -5.27 -3.63
C ARG A 31 -7.19 -4.17 -2.58
N ARG A 32 -6.21 -4.36 -1.71
CA ARG A 32 -5.89 -3.39 -0.69
C ARG A 32 -4.40 -3.11 -0.69
N CYS A 33 -4.00 -2.01 -0.10
CA CYS A 33 -2.59 -1.68 -0.05
C CYS A 33 -1.91 -2.36 1.13
N SER A 34 -0.60 -2.42 1.07
CA SER A 34 0.20 -3.05 2.11
C SER A 34 1.62 -2.52 2.04
N LEU A 35 2.36 -2.68 3.13
CA LEU A 35 3.75 -2.24 3.17
C LEU A 35 4.64 -3.34 2.62
N SER A 36 5.90 -3.34 3.00
CA SER A 36 6.85 -4.35 2.55
C SER A 36 6.56 -5.70 3.22
N VAL A 37 5.41 -6.27 2.89
CA VAL A 37 4.98 -7.55 3.43
C VAL A 37 4.52 -8.44 2.29
N ALA A 38 5.48 -9.03 1.60
CA ALA A 38 5.20 -9.92 0.49
C ALA A 38 5.49 -11.37 0.85
N GLN A 39 4.87 -11.85 1.91
CA GLN A 39 5.06 -13.23 2.35
C GLN A 39 3.72 -13.92 2.54
N GLU A 40 2.65 -13.13 2.57
CA GLU A 40 1.31 -13.66 2.78
C GLU A 40 0.32 -12.99 1.83
N MET A 1 5.28 7.06 14.82
CA MET A 1 5.67 6.16 13.72
C MET A 1 6.72 6.83 12.85
N THR A 2 7.92 6.25 12.86
CA THR A 2 9.03 6.80 12.08
C THR A 2 8.80 6.67 10.56
N PRO A 3 8.52 5.45 10.04
CA PRO A 3 8.28 5.26 8.60
C PRO A 3 7.12 6.13 8.11
N PHE A 4 7.37 6.88 7.05
CA PHE A 4 6.37 7.77 6.48
C PHE A 4 5.51 7.06 5.45
N TRP A 5 4.75 6.07 5.90
CA TRP A 5 3.86 5.31 5.03
C TRP A 5 2.51 6.03 4.90
N ARG A 6 2.51 7.32 5.25
CA ARG A 6 1.31 8.14 5.19
C ARG A 6 1.66 9.52 4.69
N GLY A 7 0.76 10.14 3.95
CA GLY A 7 1.00 11.48 3.43
C GLY A 7 1.64 11.47 2.06
N VAL A 8 1.17 10.58 1.20
CA VAL A 8 1.70 10.47 -0.14
C VAL A 8 0.65 10.86 -1.17
N SER A 9 1.08 11.12 -2.39
CA SER A 9 0.18 11.52 -3.47
C SER A 9 -0.56 10.33 -4.07
N LEU A 10 -0.39 9.19 -3.43
CA LEU A 10 -1.03 7.97 -3.87
C LEU A 10 -1.68 7.29 -2.68
N ARG A 11 -1.84 6.00 -2.74
CA ARG A 11 -2.50 5.27 -1.68
C ARG A 11 -1.51 4.77 -0.64
N PRO A 12 -1.77 5.11 0.64
CA PRO A 12 -0.93 4.67 1.75
C PRO A 12 -1.22 3.22 2.11
N ILE A 13 -0.61 2.73 3.18
CA ILE A 13 -0.82 1.34 3.61
C ILE A 13 -2.27 1.05 3.94
N GLY A 14 -2.81 1.81 4.87
CA GLY A 14 -4.19 1.63 5.29
C GLY A 14 -5.19 2.16 4.27
N ALA A 15 -4.99 1.84 2.99
CA ALA A 15 -5.90 2.31 1.96
C ALA A 15 -6.31 1.18 1.00
N SER A 16 -7.17 1.53 0.05
CA SER A 16 -7.64 0.59 -0.94
C SER A 16 -6.72 0.60 -2.15
N CYS A 17 -6.86 -0.37 -3.03
CA CYS A 17 -5.98 -0.45 -4.18
C CYS A 17 -6.72 -0.83 -5.47
N ARG A 18 -6.04 -0.59 -6.58
CA ARG A 18 -6.53 -0.91 -7.91
C ARG A 18 -5.43 -1.66 -8.67
N ASP A 19 -4.20 -1.27 -8.38
CA ASP A 19 -2.99 -1.86 -8.97
C ASP A 19 -1.85 -1.60 -8.00
N ASP A 20 -0.81 -2.43 -8.03
CA ASP A 20 0.32 -2.26 -7.11
C ASP A 20 0.83 -0.82 -7.09
N SER A 21 0.93 -0.23 -8.28
CA SER A 21 1.44 1.13 -8.45
C SER A 21 0.57 2.18 -7.74
N GLU A 22 -0.67 1.83 -7.46
CA GLU A 22 -1.58 2.73 -6.78
C GLU A 22 -1.21 2.85 -5.31
N CYS A 23 -0.57 1.81 -4.79
CA CYS A 23 -0.16 1.80 -3.40
C CYS A 23 1.30 2.21 -3.27
N ILE A 24 1.59 3.01 -2.26
CA ILE A 24 2.95 3.50 -1.99
C ILE A 24 3.98 2.39 -1.96
N THR A 25 3.61 1.25 -1.40
CA THR A 25 4.51 0.11 -1.30
C THR A 25 4.60 -0.71 -2.58
N ARG A 26 3.81 -0.32 -3.59
CA ARG A 26 3.78 -1.03 -4.88
C ARG A 26 3.41 -2.51 -4.66
N LEU A 27 2.46 -2.73 -3.78
CA LEU A 27 2.00 -4.08 -3.45
C LEU A 27 0.48 -4.08 -3.26
N CYS A 28 -0.23 -4.55 -4.26
CA CYS A 28 -1.68 -4.60 -4.22
C CYS A 28 -2.17 -5.93 -3.64
N ARG A 29 -2.23 -5.98 -2.32
CA ARG A 29 -2.67 -7.19 -1.61
C ARG A 29 -4.20 -7.26 -1.55
N LYS A 30 -4.77 -8.16 -2.34
CA LYS A 30 -6.22 -8.38 -2.38
C LYS A 30 -6.97 -7.07 -2.67
N ARG A 31 -6.44 -6.32 -3.62
CA ARG A 31 -7.05 -5.04 -4.04
C ARG A 31 -6.98 -4.01 -2.92
N ARG A 32 -6.04 -4.20 -2.01
CA ARG A 32 -5.84 -3.28 -0.90
C ARG A 32 -4.35 -3.04 -0.74
N CYS A 33 -3.98 -2.00 -0.02
CA CYS A 33 -2.57 -1.72 0.18
C CYS A 33 -2.07 -2.44 1.43
N SER A 34 -0.77 -2.72 1.45
CA SER A 34 -0.15 -3.41 2.57
C SER A 34 1.36 -3.20 2.51
N LEU A 35 2.06 -3.72 3.51
CA LEU A 35 3.52 -3.60 3.56
C LEU A 35 4.12 -4.71 2.71
N SER A 36 5.36 -5.08 3.01
CA SER A 36 6.05 -6.14 2.29
C SER A 36 5.50 -7.51 2.67
N VAL A 37 4.18 -7.64 2.61
CA VAL A 37 3.49 -8.88 2.96
C VAL A 37 2.85 -9.51 1.73
N ALA A 38 3.67 -9.87 0.76
CA ALA A 38 3.18 -10.48 -0.47
C ALA A 38 2.88 -11.97 -0.24
N GLN A 39 1.87 -12.24 0.57
CA GLN A 39 1.48 -13.61 0.89
C GLN A 39 -0.03 -13.70 1.03
N GLU A 40 -0.73 -12.77 0.41
CA GLU A 40 -2.18 -12.73 0.46
C GLU A 40 -2.73 -12.05 -0.78
N MET A 1 9.75 13.78 8.17
CA MET A 1 8.48 13.10 8.53
C MET A 1 8.73 11.61 8.67
N THR A 2 8.35 11.06 9.83
CA THR A 2 8.52 9.64 10.09
C THR A 2 7.45 8.80 9.38
N PRO A 3 6.15 9.06 9.61
CA PRO A 3 5.08 8.30 8.95
C PRO A 3 4.91 8.67 7.48
N PHE A 4 5.74 8.09 6.62
CA PHE A 4 5.70 8.36 5.19
C PHE A 4 4.35 7.94 4.60
N TRP A 5 3.66 7.04 5.29
CA TRP A 5 2.35 6.56 4.85
C TRP A 5 1.26 7.58 5.16
N ARG A 6 1.67 8.76 5.58
CA ARG A 6 0.75 9.83 5.89
C ARG A 6 1.02 11.05 5.01
N GLY A 7 2.08 10.95 4.21
CA GLY A 7 2.44 12.03 3.32
C GLY A 7 3.09 11.52 2.06
N VAL A 8 2.31 10.84 1.24
CA VAL A 8 2.82 10.28 -0.01
C VAL A 8 1.86 10.61 -1.15
N SER A 9 2.38 10.59 -2.36
CA SER A 9 1.59 10.91 -3.55
C SER A 9 0.91 9.66 -4.10
N LEU A 10 0.87 8.63 -3.28
CA LEU A 10 0.27 7.37 -3.65
C LEU A 10 -0.73 6.97 -2.58
N ARG A 11 -1.14 5.72 -2.62
CA ARG A 11 -2.10 5.19 -1.66
C ARG A 11 -1.37 4.63 -0.45
N PRO A 12 -1.72 5.11 0.75
CA PRO A 12 -1.10 4.64 2.00
C PRO A 12 -1.45 3.19 2.29
N ILE A 13 -0.75 2.59 3.25
CA ILE A 13 -0.99 1.20 3.62
C ILE A 13 -2.45 0.93 3.99
N GLY A 14 -2.99 1.78 4.84
CA GLY A 14 -4.37 1.62 5.25
C GLY A 14 -5.36 2.17 4.24
N ALA A 15 -5.16 1.83 2.97
CA ALA A 15 -6.06 2.30 1.92
C ALA A 15 -6.41 1.20 0.93
N SER A 16 -7.35 1.50 0.04
CA SER A 16 -7.78 0.57 -0.98
C SER A 16 -6.84 0.65 -2.18
N CYS A 17 -6.85 -0.37 -3.02
CA CYS A 17 -5.96 -0.40 -4.16
C CYS A 17 -6.70 -0.80 -5.44
N ARG A 18 -6.05 -0.53 -6.55
CA ARG A 18 -6.55 -0.85 -7.88
C ARG A 18 -5.46 -1.58 -8.64
N ASP A 19 -4.23 -1.16 -8.38
CA ASP A 19 -3.03 -1.72 -9.00
C ASP A 19 -1.89 -1.50 -8.04
N ASP A 20 -0.87 -2.35 -8.07
CA ASP A 20 0.25 -2.21 -7.14
C ASP A 20 0.83 -0.80 -7.17
N SER A 21 0.93 -0.24 -8.37
CA SER A 21 1.47 1.10 -8.57
C SER A 21 0.66 2.17 -7.83
N GLU A 22 -0.59 1.84 -7.52
CA GLU A 22 -1.47 2.76 -6.81
C GLU A 22 -1.03 2.88 -5.36
N CYS A 23 -0.49 1.79 -4.81
CA CYS A 23 -0.06 1.77 -3.43
C CYS A 23 1.38 2.25 -3.27
N ILE A 24 1.64 2.90 -2.16
CA ILE A 24 2.97 3.45 -1.85
C ILE A 24 4.06 2.38 -1.92
N THR A 25 3.74 1.18 -1.46
CA THR A 25 4.70 0.09 -1.44
C THR A 25 4.70 -0.74 -2.73
N ARG A 26 3.82 -0.38 -3.68
CA ARG A 26 3.72 -1.10 -4.95
C ARG A 26 3.43 -2.58 -4.70
N LEU A 27 2.41 -2.83 -3.89
CA LEU A 27 1.98 -4.17 -3.55
C LEU A 27 0.48 -4.17 -3.34
N CYS A 28 -0.26 -4.56 -4.37
CA CYS A 28 -1.71 -4.56 -4.34
C CYS A 28 -2.24 -5.89 -3.81
N ARG A 29 -2.14 -6.07 -2.51
CA ARG A 29 -2.58 -7.30 -1.87
C ARG A 29 -4.06 -7.19 -1.50
N LYS A 30 -4.84 -8.18 -1.92
CA LYS A 30 -6.28 -8.22 -1.68
C LYS A 30 -6.95 -6.97 -2.25
N ARG A 31 -6.34 -6.43 -3.30
CA ARG A 31 -6.83 -5.22 -3.96
C ARG A 31 -6.83 -4.05 -2.98
N ARG A 32 -5.89 -4.11 -2.06
CA ARG A 32 -5.70 -3.09 -1.04
C ARG A 32 -4.22 -2.86 -0.85
N CYS A 33 -3.85 -1.89 -0.04
CA CYS A 33 -2.45 -1.63 0.19
C CYS A 33 -1.96 -2.45 1.38
N SER A 34 -0.66 -2.73 1.38
CA SER A 34 -0.02 -3.50 2.44
C SER A 34 1.48 -3.27 2.38
N LEU A 35 2.18 -3.65 3.44
CA LEU A 35 3.63 -3.51 3.49
C LEU A 35 4.26 -4.69 2.78
N SER A 36 5.52 -4.97 3.07
CA SER A 36 6.24 -6.09 2.47
C SER A 36 5.69 -7.42 3.00
N VAL A 37 4.43 -7.69 2.69
CA VAL A 37 3.75 -8.89 3.11
C VAL A 37 3.04 -9.52 1.93
N ALA A 38 3.82 -10.19 1.08
CA ALA A 38 3.28 -10.85 -0.11
C ALA A 38 2.53 -12.13 0.25
N GLN A 39 1.53 -11.99 1.11
CA GLN A 39 0.72 -13.12 1.55
C GLN A 39 -0.75 -12.75 1.47
N GLU A 40 -1.44 -13.29 0.48
CA GLU A 40 -2.85 -13.03 0.30
C GLU A 40 -3.65 -13.56 1.48
N MET A 1 8.83 14.76 10.63
CA MET A 1 7.83 14.54 9.56
C MET A 1 8.34 13.48 8.61
N THR A 2 7.54 12.45 8.39
CA THR A 2 7.91 11.36 7.50
C THR A 2 6.71 10.88 6.69
N PRO A 3 6.83 10.86 5.36
CA PRO A 3 5.76 10.43 4.46
C PRO A 3 5.62 8.91 4.37
N PHE A 4 5.55 8.26 5.51
CA PHE A 4 5.42 6.79 5.55
C PHE A 4 4.04 6.37 5.06
N TRP A 5 3.04 7.16 5.40
CA TRP A 5 1.68 6.87 5.00
C TRP A 5 0.86 8.16 4.94
N ARG A 6 1.55 9.28 4.85
CA ARG A 6 0.91 10.59 4.79
C ARG A 6 1.79 11.55 4.02
N GLY A 7 1.23 12.19 3.00
CA GLY A 7 1.98 13.13 2.20
C GLY A 7 2.40 12.54 0.87
N VAL A 8 2.23 11.23 0.73
CA VAL A 8 2.58 10.55 -0.50
C VAL A 8 1.52 10.76 -1.56
N SER A 9 1.93 10.77 -2.82
CA SER A 9 1.01 10.99 -3.93
C SER A 9 0.34 9.70 -4.36
N LEU A 10 0.54 8.67 -3.57
CA LEU A 10 -0.04 7.37 -3.83
C LEU A 10 -0.94 6.99 -2.69
N ARG A 11 -1.34 5.74 -2.67
CA ARG A 11 -2.22 5.23 -1.64
C ARG A 11 -1.40 4.67 -0.48
N PRO A 12 -1.71 5.11 0.75
CA PRO A 12 -1.00 4.64 1.94
C PRO A 12 -1.35 3.19 2.27
N ILE A 13 -0.70 2.63 3.28
CA ILE A 13 -0.95 1.24 3.66
C ILE A 13 -2.40 1.05 4.09
N GLY A 14 -2.92 2.03 4.81
CA GLY A 14 -4.29 1.96 5.27
C GLY A 14 -5.27 2.45 4.22
N ALA A 15 -5.11 1.96 2.99
CA ALA A 15 -6.00 2.37 1.90
C ALA A 15 -6.36 1.21 0.99
N SER A 16 -7.21 1.50 0.01
CA SER A 16 -7.64 0.52 -0.96
C SER A 16 -6.70 0.52 -2.15
N CYS A 17 -6.86 -0.44 -3.05
CA CYS A 17 -5.98 -0.55 -4.20
C CYS A 17 -6.72 -0.88 -5.49
N ARG A 18 -6.04 -0.63 -6.59
CA ARG A 18 -6.56 -0.88 -7.94
C ARG A 18 -5.44 -1.51 -8.79
N ASP A 19 -4.21 -1.22 -8.42
CA ASP A 19 -3.01 -1.70 -9.08
C ASP A 19 -1.91 -1.62 -8.05
N ASP A 20 -0.90 -2.47 -8.09
CA ASP A 20 0.16 -2.41 -7.09
C ASP A 20 0.74 -1.01 -7.00
N SER A 21 0.93 -0.40 -8.17
CA SER A 21 1.51 0.94 -8.27
C SER A 21 0.64 2.00 -7.59
N GLU A 22 -0.61 1.65 -7.32
CA GLU A 22 -1.52 2.57 -6.65
C GLU A 22 -1.09 2.76 -5.21
N CYS A 23 -0.58 1.68 -4.62
CA CYS A 23 -0.13 1.70 -3.25
C CYS A 23 1.32 2.18 -3.17
N ILE A 24 1.63 2.87 -2.08
CA ILE A 24 2.96 3.40 -1.84
C ILE A 24 4.03 2.31 -1.92
N THR A 25 3.69 1.13 -1.42
CA THR A 25 4.62 0.00 -1.42
C THR A 25 4.69 -0.70 -2.78
N ARG A 26 3.88 -0.23 -3.73
CA ARG A 26 3.82 -0.80 -5.08
C ARG A 26 3.50 -2.30 -5.00
N LEU A 27 2.53 -2.62 -4.16
CA LEU A 27 2.09 -4.00 -3.96
C LEU A 27 0.59 -4.02 -3.65
N CYS A 28 -0.18 -4.57 -4.57
CA CYS A 28 -1.62 -4.65 -4.39
C CYS A 28 -2.00 -5.92 -3.64
N ARG A 29 -2.29 -5.77 -2.36
CA ARG A 29 -2.64 -6.88 -1.51
C ARG A 29 -4.15 -7.11 -1.48
N LYS A 30 -4.62 -8.03 -2.33
CA LYS A 30 -6.04 -8.38 -2.40
C LYS A 30 -6.89 -7.13 -2.63
N ARG A 31 -6.43 -6.29 -3.57
CA ARG A 31 -7.12 -5.06 -3.94
C ARG A 31 -7.05 -4.01 -2.82
N ARG A 32 -6.09 -4.18 -1.93
CA ARG A 32 -5.88 -3.26 -0.82
C ARG A 32 -4.39 -3.02 -0.65
N CYS A 33 -4.02 -2.02 0.11
CA CYS A 33 -2.60 -1.74 0.33
C CYS A 33 -2.13 -2.49 1.58
N SER A 34 -0.85 -2.82 1.58
CA SER A 34 -0.22 -3.56 2.67
C SER A 34 1.30 -3.51 2.53
N LEU A 35 1.98 -4.15 3.47
CA LEU A 35 3.43 -4.22 3.45
C LEU A 35 3.86 -5.52 2.80
N SER A 36 5.07 -5.96 3.07
CA SER A 36 5.60 -7.20 2.53
C SER A 36 4.93 -8.42 3.21
N VAL A 37 3.61 -8.45 3.16
CA VAL A 37 2.83 -9.53 3.76
C VAL A 37 2.10 -10.32 2.68
N ALA A 38 2.79 -10.55 1.57
CA ALA A 38 2.21 -11.26 0.43
C ALA A 38 2.19 -12.77 0.68
N GLN A 39 1.00 -13.35 0.52
CA GLN A 39 0.80 -14.79 0.72
C GLN A 39 -0.57 -15.17 0.17
N GLU A 40 -0.58 -15.98 -0.87
CA GLU A 40 -1.82 -16.42 -1.49
C GLU A 40 -2.07 -17.89 -1.20
N MET A 1 9.05 -4.30 12.07
CA MET A 1 8.80 -3.38 10.93
C MET A 1 8.20 -2.08 11.44
N THR A 2 8.77 -0.98 11.00
CA THR A 2 8.31 0.34 11.41
C THR A 2 7.48 0.98 10.30
N PRO A 3 6.31 1.54 10.63
CA PRO A 3 5.43 2.21 9.68
C PRO A 3 6.00 3.54 9.19
N PHE A 4 6.96 3.47 8.28
CA PHE A 4 7.60 4.67 7.74
C PHE A 4 6.72 5.33 6.69
N TRP A 5 5.57 4.72 6.40
CA TRP A 5 4.63 5.26 5.43
C TRP A 5 3.91 6.49 6.00
N ARG A 6 4.61 7.61 5.98
CA ARG A 6 4.05 8.86 6.49
C ARG A 6 3.80 9.84 5.35
N GLY A 7 4.86 10.19 4.63
CA GLY A 7 4.75 11.11 3.52
C GLY A 7 4.32 10.40 2.25
N VAL A 8 3.10 9.90 2.25
CA VAL A 8 2.57 9.18 1.11
C VAL A 8 2.11 10.14 0.02
N SER A 9 2.53 9.86 -1.20
CA SER A 9 2.16 10.68 -2.35
C SER A 9 1.29 9.86 -3.30
N LEU A 10 0.91 8.71 -2.80
CA LEU A 10 0.08 7.76 -3.52
C LEU A 10 -0.95 7.20 -2.57
N ARG A 11 -1.42 6.01 -2.84
CA ARG A 11 -2.38 5.36 -1.96
C ARG A 11 -1.66 4.80 -0.74
N PRO A 12 -2.07 5.24 0.47
CA PRO A 12 -1.47 4.81 1.73
C PRO A 12 -1.61 3.30 1.97
N ILE A 13 -0.74 2.77 2.82
CA ILE A 13 -0.73 1.34 3.13
C ILE A 13 -2.09 0.81 3.58
N GLY A 14 -2.69 1.47 4.57
CA GLY A 14 -3.98 1.01 5.08
C GLY A 14 -5.14 1.45 4.21
N ALA A 15 -4.94 1.56 2.92
CA ALA A 15 -6.00 1.99 2.01
C ALA A 15 -6.34 0.92 0.98
N SER A 16 -7.32 1.22 0.15
CA SER A 16 -7.75 0.32 -0.89
C SER A 16 -6.84 0.44 -2.11
N CYS A 17 -6.92 -0.49 -3.03
CA CYS A 17 -6.06 -0.48 -4.20
C CYS A 17 -6.76 -0.97 -5.46
N ARG A 18 -6.15 -0.64 -6.58
CA ARG A 18 -6.62 -1.04 -7.92
C ARG A 18 -5.45 -1.59 -8.73
N ASP A 19 -4.25 -1.10 -8.40
CA ASP A 19 -3.00 -1.51 -9.05
C ASP A 19 -1.87 -1.27 -8.07
N ASP A 20 -0.89 -2.17 -8.03
CA ASP A 20 0.23 -2.03 -7.10
C ASP A 20 0.91 -0.67 -7.22
N SER A 21 0.98 -0.17 -8.44
CA SER A 21 1.62 1.11 -8.74
C SER A 21 0.93 2.27 -8.03
N GLU A 22 -0.35 2.12 -7.74
CA GLU A 22 -1.11 3.16 -7.07
C GLU A 22 -0.77 3.20 -5.58
N CYS A 23 -0.23 2.10 -5.08
CA CYS A 23 0.09 2.00 -3.67
C CYS A 23 1.54 2.37 -3.39
N ILE A 24 1.74 3.06 -2.28
CA ILE A 24 3.06 3.49 -1.84
C ILE A 24 3.96 2.27 -1.65
N THR A 25 3.36 1.21 -1.15
CA THR A 25 4.05 -0.04 -0.89
C THR A 25 4.30 -0.85 -2.17
N ARG A 26 3.62 -0.47 -3.26
CA ARG A 26 3.76 -1.18 -4.54
C ARG A 26 3.35 -2.64 -4.38
N LEU A 27 2.38 -2.87 -3.51
CA LEU A 27 1.87 -4.20 -3.25
C LEU A 27 0.36 -4.15 -3.12
N CYS A 28 -0.32 -4.54 -4.18
CA CYS A 28 -1.76 -4.54 -4.21
C CYS A 28 -2.31 -5.89 -3.72
N ARG A 29 -2.28 -6.07 -2.40
CA ARG A 29 -2.74 -7.31 -1.79
C ARG A 29 -4.23 -7.26 -1.48
N LYS A 30 -4.97 -8.23 -2.02
CA LYS A 30 -6.42 -8.38 -1.82
C LYS A 30 -7.17 -7.05 -2.03
N ARG A 31 -6.77 -6.35 -3.08
CA ARG A 31 -7.37 -5.06 -3.46
C ARG A 31 -7.08 -3.98 -2.42
N ARG A 32 -5.94 -4.10 -1.76
CA ARG A 32 -5.52 -3.12 -0.76
C ARG A 32 -4.06 -2.81 -0.94
N CYS A 33 -3.58 -1.77 -0.28
CA CYS A 33 -2.19 -1.35 -0.39
C CYS A 33 -1.31 -2.04 0.64
N SER A 34 -1.89 -3.00 1.31
CA SER A 34 -1.19 -3.78 2.32
C SER A 34 -0.03 -4.55 1.72
N LEU A 35 1.09 -4.62 2.47
CA LEU A 35 2.27 -5.34 2.01
C LEU A 35 2.08 -6.84 2.19
N SER A 36 3.18 -7.56 2.29
CA SER A 36 3.15 -9.01 2.47
C SER A 36 2.66 -9.41 3.87
N VAL A 37 1.59 -8.77 4.33
CA VAL A 37 1.01 -9.05 5.63
C VAL A 37 -0.48 -9.33 5.48
N ALA A 38 -0.89 -9.54 4.24
CA ALA A 38 -2.28 -9.80 3.93
C ALA A 38 -2.42 -11.12 3.18
N GLN A 39 -2.98 -12.10 3.86
CA GLN A 39 -3.19 -13.42 3.29
C GLN A 39 -4.23 -14.16 4.12
N GLU A 40 -5.14 -13.39 4.71
CA GLU A 40 -6.20 -13.94 5.53
C GLU A 40 -7.48 -14.09 4.71
N MET A 1 1.48 1.49 13.93
CA MET A 1 1.55 2.77 13.18
C MET A 1 2.51 2.63 12.02
N THR A 2 2.10 3.08 10.85
CA THR A 2 2.92 2.99 9.66
C THR A 2 3.08 4.36 9.03
N PRO A 3 4.33 4.81 8.82
CA PRO A 3 4.62 6.11 8.21
C PRO A 3 4.09 6.22 6.79
N PHE A 4 4.05 5.09 6.10
CA PHE A 4 3.57 5.03 4.72
C PHE A 4 2.04 5.09 4.65
N TRP A 5 1.46 5.84 5.57
CA TRP A 5 0.02 6.00 5.63
C TRP A 5 -0.37 7.48 5.68
N ARG A 6 0.61 8.33 5.96
CA ARG A 6 0.38 9.77 6.05
C ARG A 6 1.34 10.51 5.13
N GLY A 7 0.86 11.58 4.51
CA GLY A 7 1.69 12.37 3.62
C GLY A 7 1.89 11.71 2.26
N VAL A 8 1.06 10.72 1.98
CA VAL A 8 1.13 10.00 0.71
C VAL A 8 0.33 10.72 -0.37
N SER A 9 0.91 10.82 -1.56
CA SER A 9 0.24 11.48 -2.67
C SER A 9 -0.47 10.46 -3.54
N LEU A 10 -0.51 9.25 -3.03
CA LEU A 10 -1.14 8.13 -3.70
C LEU A 10 -1.83 7.26 -2.65
N ARG A 11 -1.85 5.98 -2.85
CA ARG A 11 -2.51 5.08 -1.91
C ARG A 11 -1.55 4.61 -0.84
N PRO A 12 -1.86 4.92 0.43
CA PRO A 12 -1.04 4.51 1.55
C PRO A 12 -1.26 3.04 1.89
N ILE A 13 -0.49 2.50 2.83
CA ILE A 13 -0.61 1.10 3.22
C ILE A 13 -2.01 0.75 3.69
N GLY A 14 -2.55 1.56 4.59
CA GLY A 14 -3.87 1.32 5.10
C GLY A 14 -4.95 1.87 4.18
N ALA A 15 -4.87 1.53 2.91
CA ALA A 15 -5.87 1.99 1.94
C ALA A 15 -6.24 0.89 0.96
N SER A 16 -7.16 1.23 0.06
CA SER A 16 -7.61 0.28 -0.96
C SER A 16 -6.72 0.39 -2.20
N CYS A 17 -6.84 -0.56 -3.12
CA CYS A 17 -5.99 -0.55 -4.31
C CYS A 17 -6.55 -1.43 -5.42
N ARG A 18 -6.07 -1.16 -6.62
CA ARG A 18 -6.44 -1.92 -7.81
C ARG A 18 -5.16 -2.29 -8.57
N ASP A 19 -4.12 -1.49 -8.39
CA ASP A 19 -2.83 -1.70 -9.05
C ASP A 19 -1.72 -1.35 -8.06
N ASP A 20 -0.66 -2.14 -8.02
CA ASP A 20 0.45 -1.89 -7.10
C ASP A 20 0.99 -0.48 -7.26
N SER A 21 0.94 0.02 -8.49
CA SER A 21 1.40 1.37 -8.80
C SER A 21 0.62 2.43 -8.02
N GLU A 22 -0.55 2.05 -7.54
CA GLU A 22 -1.38 2.96 -6.76
C GLU A 22 -0.88 3.07 -5.35
N CYS A 23 -0.32 1.97 -4.84
CA CYS A 23 0.16 1.93 -3.46
C CYS A 23 1.58 2.44 -3.36
N ILE A 24 1.81 3.27 -2.34
CA ILE A 24 3.12 3.82 -2.05
C ILE A 24 4.17 2.73 -1.90
N THR A 25 3.75 1.61 -1.35
CA THR A 25 4.62 0.46 -1.13
C THR A 25 4.70 -0.44 -2.36
N ARG A 26 3.90 -0.13 -3.39
CA ARG A 26 3.87 -0.92 -4.62
C ARG A 26 3.51 -2.38 -4.32
N LEU A 27 2.62 -2.56 -3.36
CA LEU A 27 2.17 -3.89 -2.98
C LEU A 27 0.65 -3.93 -2.87
N CYS A 28 0.02 -4.32 -3.95
CA CYS A 28 -1.43 -4.42 -4.01
C CYS A 28 -1.87 -5.82 -3.62
N ARG A 29 -2.74 -5.93 -2.63
CA ARG A 29 -3.19 -7.23 -2.17
C ARG A 29 -4.65 -7.22 -1.74
N LYS A 30 -5.45 -8.09 -2.35
CA LYS A 30 -6.86 -8.24 -2.02
C LYS A 30 -7.63 -6.93 -2.13
N ARG A 31 -7.36 -6.19 -3.21
CA ARG A 31 -8.04 -4.91 -3.48
C ARG A 31 -7.62 -3.83 -2.45
N ARG A 32 -6.55 -4.08 -1.73
CA ARG A 32 -6.06 -3.15 -0.73
C ARG A 32 -4.55 -3.04 -0.82
N CYS A 33 -3.98 -2.09 -0.11
CA CYS A 33 -2.53 -1.91 -0.11
C CYS A 33 -1.93 -2.76 1.01
N SER A 34 -0.64 -3.01 0.93
CA SER A 34 0.06 -3.80 1.93
C SER A 34 1.55 -3.50 1.93
N LEU A 35 2.27 -4.31 2.68
CA LEU A 35 3.70 -4.21 2.84
C LEU A 35 4.18 -5.57 3.33
N SER A 36 5.47 -5.76 3.48
CA SER A 36 5.99 -7.03 3.99
C SER A 36 5.73 -7.14 5.49
N VAL A 37 4.47 -7.01 5.85
CA VAL A 37 4.04 -7.06 7.25
C VAL A 37 3.07 -8.20 7.50
N ALA A 38 2.96 -9.07 6.51
CA ALA A 38 2.06 -10.22 6.58
C ALA A 38 2.22 -11.08 5.35
N GLN A 39 1.59 -12.24 5.35
CA GLN A 39 1.67 -13.15 4.21
C GLN A 39 0.42 -13.00 3.35
N GLU A 40 0.36 -13.75 2.26
CA GLU A 40 -0.76 -13.68 1.34
C GLU A 40 -2.00 -14.33 1.95
N MET A 1 9.25 5.25 8.96
CA MET A 1 10.68 5.50 8.63
C MET A 1 10.83 5.74 7.14
N THR A 2 11.22 4.71 6.39
CA THR A 2 11.39 4.82 4.96
C THR A 2 10.05 5.10 4.26
N PRO A 3 9.03 4.23 4.43
CA PRO A 3 7.71 4.44 3.82
C PRO A 3 6.93 5.54 4.55
N PHE A 4 6.55 6.57 3.81
CA PHE A 4 5.80 7.67 4.38
C PHE A 4 4.31 7.52 4.09
N TRP A 5 3.70 6.53 4.74
CA TRP A 5 2.27 6.27 4.56
C TRP A 5 1.41 7.35 5.21
N ARG A 6 2.05 8.39 5.72
CA ARG A 6 1.35 9.50 6.34
C ARG A 6 1.50 10.77 5.52
N GLY A 7 2.19 10.65 4.39
CA GLY A 7 2.41 11.79 3.53
C GLY A 7 2.98 11.38 2.19
N VAL A 8 2.11 10.92 1.29
CA VAL A 8 2.54 10.49 -0.03
C VAL A 8 1.44 10.78 -1.05
N SER A 9 1.84 10.87 -2.31
CA SER A 9 0.90 11.15 -3.39
C SER A 9 0.30 9.86 -3.94
N LEU A 10 0.52 8.79 -3.22
CA LEU A 10 0.03 7.50 -3.58
C LEU A 10 -0.94 7.00 -2.52
N ARG A 11 -1.27 5.74 -2.60
CA ARG A 11 -2.19 5.13 -1.66
C ARG A 11 -1.42 4.53 -0.48
N PRO A 12 -1.70 5.02 0.73
CA PRO A 12 -1.04 4.54 1.95
C PRO A 12 -1.41 3.08 2.27
N ILE A 13 -0.76 2.50 3.25
CA ILE A 13 -1.01 1.13 3.64
C ILE A 13 -2.47 0.89 4.01
N GLY A 14 -3.02 1.78 4.83
CA GLY A 14 -4.40 1.65 5.23
C GLY A 14 -5.38 2.17 4.19
N ALA A 15 -5.14 1.85 2.92
CA ALA A 15 -6.03 2.30 1.85
C ALA A 15 -6.40 1.16 0.92
N SER A 16 -7.32 1.46 0.00
CA SER A 16 -7.76 0.50 -0.99
C SER A 16 -6.82 0.52 -2.18
N CYS A 17 -6.91 -0.47 -3.05
CA CYS A 17 -6.03 -0.53 -4.20
C CYS A 17 -6.72 -1.11 -5.44
N ARG A 18 -6.14 -0.83 -6.58
CA ARG A 18 -6.60 -1.31 -7.88
C ARG A 18 -5.42 -1.84 -8.70
N ASP A 19 -4.23 -1.30 -8.40
CA ASP A 19 -2.99 -1.68 -9.06
C ASP A 19 -1.84 -1.41 -8.10
N ASP A 20 -0.80 -2.23 -8.14
CA ASP A 20 0.34 -2.06 -7.23
C ASP A 20 0.91 -0.64 -7.28
N SER A 21 0.93 -0.07 -8.49
CA SER A 21 1.48 1.27 -8.71
C SER A 21 0.72 2.32 -7.89
N GLU A 22 -0.50 2.00 -7.49
CA GLU A 22 -1.29 2.92 -6.70
C GLU A 22 -0.81 2.92 -5.26
N CYS A 23 -0.34 1.79 -4.80
CA CYS A 23 0.14 1.66 -3.44
C CYS A 23 1.55 2.23 -3.31
N ILE A 24 1.77 2.93 -2.21
CA ILE A 24 3.06 3.55 -1.91
C ILE A 24 4.22 2.55 -2.00
N THR A 25 3.99 1.34 -1.55
CA THR A 25 5.02 0.31 -1.57
C THR A 25 4.89 -0.64 -2.76
N ARG A 26 4.04 -0.27 -3.72
CA ARG A 26 3.80 -1.08 -4.92
C ARG A 26 3.47 -2.54 -4.57
N LEU A 27 2.46 -2.72 -3.73
CA LEU A 27 2.03 -4.05 -3.34
C LEU A 27 0.52 -4.07 -3.16
N CYS A 28 -0.16 -4.46 -4.22
CA CYS A 28 -1.62 -4.51 -4.21
C CYS A 28 -2.10 -5.88 -3.75
N ARG A 29 -2.31 -6.01 -2.45
CA ARG A 29 -2.75 -7.27 -1.88
C ARG A 29 -4.24 -7.28 -1.60
N LYS A 30 -4.95 -8.19 -2.28
CA LYS A 30 -6.39 -8.40 -2.15
C LYS A 30 -7.19 -7.11 -2.26
N ARG A 31 -6.86 -6.32 -3.28
CA ARG A 31 -7.54 -5.05 -3.57
C ARG A 31 -7.28 -4.01 -2.48
N ARG A 32 -6.21 -4.20 -1.73
CA ARG A 32 -5.84 -3.27 -0.67
C ARG A 32 -4.35 -3.02 -0.71
N CYS A 33 -3.93 -1.95 -0.07
CA CYS A 33 -2.52 -1.61 -0.02
C CYS A 33 -1.86 -2.22 1.20
N SER A 34 -0.55 -2.32 1.13
CA SER A 34 0.25 -2.88 2.21
C SER A 34 1.72 -2.55 1.99
N LEU A 35 2.55 -2.80 2.99
CA LEU A 35 3.98 -2.55 2.89
C LEU A 35 4.65 -3.76 2.26
N SER A 36 5.90 -3.99 2.60
CA SER A 36 6.64 -5.12 2.08
C SER A 36 6.13 -6.43 2.70
N VAL A 37 4.91 -6.79 2.35
CA VAL A 37 4.25 -7.97 2.84
C VAL A 37 3.43 -8.60 1.71
N ALA A 38 4.08 -9.42 0.91
CA ALA A 38 3.43 -10.07 -0.21
C ALA A 38 2.75 -11.36 0.23
N GLN A 39 3.49 -12.20 0.94
CA GLN A 39 2.96 -13.47 1.41
C GLN A 39 2.95 -13.52 2.92
N GLU A 40 3.51 -12.50 3.54
CA GLU A 40 3.59 -12.40 4.99
C GLU A 40 2.55 -11.40 5.49
N MET A 1 -3.16 6.27 16.92
CA MET A 1 -2.99 5.16 15.95
C MET A 1 -1.53 5.06 15.54
N THR A 2 -1.13 3.89 15.07
CA THR A 2 0.24 3.67 14.63
C THR A 2 0.46 4.21 13.23
N PRO A 3 1.49 5.05 13.04
CA PRO A 3 1.81 5.64 11.74
C PRO A 3 2.46 4.63 10.79
N PHE A 4 1.72 3.57 10.49
CA PHE A 4 2.20 2.53 9.60
C PHE A 4 2.12 3.00 8.14
N TRP A 5 1.26 3.97 7.90
CA TRP A 5 1.08 4.53 6.57
C TRP A 5 1.21 6.04 6.63
N ARG A 6 1.53 6.64 5.49
CA ARG A 6 1.70 8.09 5.43
C ARG A 6 0.96 8.67 4.24
N GLY A 7 0.55 9.92 4.35
CA GLY A 7 -0.18 10.59 3.29
C GLY A 7 0.75 11.09 2.20
N VAL A 8 1.32 10.16 1.47
CA VAL A 8 2.23 10.48 0.38
C VAL A 8 1.47 10.82 -0.90
N SER A 9 2.19 10.92 -2.01
CA SER A 9 1.58 11.24 -3.30
C SER A 9 0.99 10.00 -3.96
N LEU A 10 0.82 8.97 -3.16
CA LEU A 10 0.26 7.71 -3.60
C LEU A 10 -0.73 7.23 -2.56
N ARG A 11 -1.14 5.99 -2.68
CA ARG A 11 -2.09 5.40 -1.74
C ARG A 11 -1.36 4.77 -0.56
N PRO A 12 -1.83 5.06 0.65
CA PRO A 12 -1.23 4.52 1.87
C PRO A 12 -1.60 3.06 2.12
N ILE A 13 -0.84 2.40 2.98
CA ILE A 13 -1.04 0.99 3.30
C ILE A 13 -2.48 0.69 3.68
N GLY A 14 -2.95 1.36 4.72
CA GLY A 14 -4.31 1.17 5.20
C GLY A 14 -5.38 1.72 4.27
N ALA A 15 -5.20 1.55 2.97
CA ALA A 15 -6.18 2.04 2.00
C ALA A 15 -6.50 0.99 0.95
N SER A 16 -7.42 1.35 0.07
CA SER A 16 -7.84 0.47 -1.01
C SER A 16 -6.85 0.54 -2.17
N CYS A 17 -6.99 -0.37 -3.13
CA CYS A 17 -6.08 -0.39 -4.27
C CYS A 17 -6.78 -0.91 -5.52
N ARG A 18 -6.15 -0.63 -6.66
CA ARG A 18 -6.62 -1.06 -7.97
C ARG A 18 -5.46 -1.66 -8.76
N ASP A 19 -4.26 -1.17 -8.47
CA ASP A 19 -3.02 -1.62 -9.10
C ASP A 19 -1.88 -1.33 -8.15
N ASP A 20 -0.87 -2.19 -8.12
CA ASP A 20 0.26 -2.02 -7.21
C ASP A 20 0.89 -0.63 -7.32
N SER A 21 0.89 -0.08 -8.54
CA SER A 21 1.48 1.23 -8.79
C SER A 21 0.82 2.34 -7.96
N GLU A 22 -0.45 2.13 -7.61
CA GLU A 22 -1.18 3.10 -6.83
C GLU A 22 -0.71 3.07 -5.38
N CYS A 23 -0.21 1.92 -4.96
CA CYS A 23 0.24 1.76 -3.59
C CYS A 23 1.66 2.26 -3.41
N ILE A 24 1.85 2.99 -2.32
CA ILE A 24 3.14 3.57 -1.94
C ILE A 24 4.28 2.54 -1.95
N THR A 25 3.95 1.31 -1.60
CA THR A 25 4.95 0.25 -1.54
C THR A 25 4.79 -0.77 -2.67
N ARG A 26 3.93 -0.47 -3.65
CA ARG A 26 3.68 -1.37 -4.78
C ARG A 26 3.30 -2.77 -4.28
N LEU A 27 2.23 -2.82 -3.49
CA LEU A 27 1.75 -4.07 -2.93
C LEU A 27 0.23 -4.05 -2.88
N CYS A 28 -0.39 -4.39 -4.01
CA CYS A 28 -1.83 -4.41 -4.10
C CYS A 28 -2.35 -5.76 -3.59
N ARG A 29 -2.24 -5.93 -2.27
CA ARG A 29 -2.63 -7.16 -1.62
C ARG A 29 -4.13 -7.18 -1.31
N LYS A 30 -4.81 -8.14 -1.93
CA LYS A 30 -6.26 -8.33 -1.74
C LYS A 30 -7.03 -7.04 -2.03
N ARG A 31 -6.65 -6.39 -3.13
CA ARG A 31 -7.29 -5.15 -3.58
C ARG A 31 -7.05 -4.00 -2.61
N ARG A 32 -6.01 -4.12 -1.80
CA ARG A 32 -5.67 -3.07 -0.85
C ARG A 32 -4.17 -2.84 -0.88
N CYS A 33 -3.71 -1.80 -0.20
CA CYS A 33 -2.29 -1.46 -0.18
C CYS A 33 -1.56 -2.18 0.94
N SER A 34 -2.22 -3.17 1.50
CA SER A 34 -1.68 -4.00 2.57
C SER A 34 -0.27 -4.50 2.26
N LEU A 35 0.63 -4.26 3.20
CA LEU A 35 2.02 -4.69 3.06
C LEU A 35 2.12 -6.18 3.40
N SER A 36 3.34 -6.66 3.58
CA SER A 36 3.58 -8.06 3.94
C SER A 36 3.29 -8.28 5.42
N VAL A 37 2.25 -7.62 5.90
CA VAL A 37 1.84 -7.71 7.29
C VAL A 37 0.53 -8.46 7.40
N ALA A 38 0.19 -9.14 6.33
CA ALA A 38 -1.03 -9.91 6.24
C ALA A 38 -0.76 -11.19 5.46
N GLN A 39 -1.50 -12.25 5.78
CA GLN A 39 -1.33 -13.53 5.11
C GLN A 39 -1.62 -13.40 3.61
N GLU A 40 -1.05 -14.31 2.83
CA GLU A 40 -1.21 -14.31 1.38
C GLU A 40 -2.69 -14.30 0.99
N MET A 1 8.10 13.03 10.80
CA MET A 1 7.14 11.92 10.94
C MET A 1 6.39 11.72 9.62
N THR A 2 5.88 10.52 9.42
CA THR A 2 5.15 10.21 8.19
C THR A 2 3.71 9.80 8.51
N PRO A 3 2.72 10.52 7.96
CA PRO A 3 1.30 10.24 8.20
C PRO A 3 0.79 9.06 7.37
N PHE A 4 1.55 8.66 6.36
CA PHE A 4 1.16 7.55 5.51
C PHE A 4 2.18 6.42 5.60
N TRP A 5 3.40 6.72 5.17
CA TRP A 5 4.49 5.75 5.20
C TRP A 5 5.78 6.45 4.80
N ARG A 6 5.74 7.17 3.69
CA ARG A 6 6.89 7.91 3.19
C ARG A 6 6.47 9.34 2.87
N GLY A 7 7.33 10.08 2.17
CA GLY A 7 7.01 11.45 1.82
C GLY A 7 6.14 11.55 0.58
N VAL A 8 6.22 10.55 -0.27
CA VAL A 8 5.44 10.53 -1.50
C VAL A 8 3.95 10.41 -1.19
N SER A 9 3.14 11.16 -1.92
CA SER A 9 1.70 11.15 -1.72
C SER A 9 0.98 10.31 -2.76
N LEU A 10 0.47 9.16 -2.32
CA LEU A 10 -0.26 8.24 -3.16
C LEU A 10 -1.09 7.33 -2.28
N ARG A 11 -1.36 6.11 -2.71
CA ARG A 11 -2.18 5.21 -1.92
C ARG A 11 -1.40 4.69 -0.71
N PRO A 12 -1.86 5.04 0.50
CA PRO A 12 -1.21 4.62 1.74
C PRO A 12 -1.36 3.13 1.96
N ILE A 13 -0.58 2.58 2.89
CA ILE A 13 -0.62 1.16 3.18
C ILE A 13 -2.02 0.72 3.63
N GLY A 14 -2.60 1.44 4.56
CA GLY A 14 -3.92 1.12 5.04
C GLY A 14 -5.01 1.66 4.14
N ALA A 15 -4.88 1.47 2.83
CA ALA A 15 -5.88 1.98 1.90
C ALA A 15 -6.27 0.94 0.86
N SER A 16 -7.33 1.23 0.11
CA SER A 16 -7.81 0.34 -0.94
C SER A 16 -7.01 0.56 -2.23
N CYS A 17 -7.03 -0.42 -3.13
CA CYS A 17 -6.26 -0.31 -4.36
C CYS A 17 -6.70 -1.32 -5.41
N ARG A 18 -6.25 -1.06 -6.62
CA ARG A 18 -6.52 -1.92 -7.76
C ARG A 18 -5.21 -2.33 -8.41
N ASP A 19 -4.20 -1.48 -8.30
CA ASP A 19 -2.89 -1.75 -8.90
C ASP A 19 -1.77 -1.36 -7.94
N ASP A 20 -0.73 -2.18 -7.88
CA ASP A 20 0.40 -1.93 -6.99
C ASP A 20 0.95 -0.52 -7.21
N SER A 21 0.95 -0.10 -8.47
CA SER A 21 1.46 1.21 -8.87
C SER A 21 0.79 2.35 -8.11
N GLU A 22 -0.42 2.11 -7.59
CA GLU A 22 -1.13 3.13 -6.83
C GLU A 22 -0.62 3.20 -5.41
N CYS A 23 -0.25 2.05 -4.87
CA CYS A 23 0.21 1.97 -3.49
C CYS A 23 1.63 2.47 -3.33
N ILE A 24 1.84 3.18 -2.23
CA ILE A 24 3.13 3.73 -1.87
C ILE A 24 4.21 2.65 -1.77
N THR A 25 3.83 1.50 -1.26
CA THR A 25 4.73 0.37 -1.12
C THR A 25 4.80 -0.48 -2.40
N ARG A 26 4.00 -0.09 -3.40
CA ARG A 26 3.92 -0.79 -4.69
C ARG A 26 3.64 -2.27 -4.49
N LEU A 27 2.64 -2.56 -3.66
CA LEU A 27 2.24 -3.94 -3.39
C LEU A 27 0.77 -4.00 -3.04
N CYS A 28 -0.05 -4.28 -4.05
CA CYS A 28 -1.49 -4.37 -3.88
C CYS A 28 -1.89 -5.80 -3.57
N ARG A 29 -2.76 -5.98 -2.58
CA ARG A 29 -3.21 -7.30 -2.19
C ARG A 29 -4.64 -7.24 -1.66
N LYS A 30 -5.47 -8.18 -2.10
CA LYS A 30 -6.86 -8.28 -1.68
C LYS A 30 -7.62 -6.98 -1.98
N ARG A 31 -7.24 -6.34 -3.08
CA ARG A 31 -7.86 -5.08 -3.52
C ARG A 31 -7.54 -3.94 -2.55
N ARG A 32 -6.42 -4.07 -1.85
CA ARG A 32 -5.97 -3.04 -0.91
C ARG A 32 -4.46 -2.97 -0.93
N CYS A 33 -3.90 -2.00 -0.25
CA CYS A 33 -2.46 -1.86 -0.19
C CYS A 33 -1.90 -2.73 0.93
N SER A 34 -0.63 -3.04 0.85
CA SER A 34 0.03 -3.88 1.84
C SER A 34 1.52 -3.59 1.88
N LEU A 35 2.20 -4.18 2.87
CA LEU A 35 3.63 -4.01 3.00
C LEU A 35 4.32 -5.14 2.24
N SER A 36 5.55 -5.44 2.61
CA SER A 36 6.31 -6.51 1.97
C SER A 36 5.76 -7.88 2.38
N VAL A 37 4.47 -8.08 2.20
CA VAL A 37 3.81 -9.32 2.56
C VAL A 37 3.22 -10.00 1.32
N ALA A 38 4.08 -10.31 0.37
CA ALA A 38 3.65 -10.96 -0.86
C ALA A 38 3.46 -12.46 -0.64
N GLN A 39 2.22 -12.84 -0.38
CA GLN A 39 1.88 -14.25 -0.16
C GLN A 39 0.73 -14.67 -1.07
N GLU A 40 0.45 -13.81 -2.03
CA GLU A 40 -0.61 -14.03 -3.01
C GLU A 40 -0.23 -13.34 -4.31
N MET A 1 11.58 -3.67 2.19
CA MET A 1 12.34 -4.03 3.39
C MET A 1 11.84 -3.29 4.63
N THR A 2 12.05 -1.98 4.66
CA THR A 2 11.62 -1.17 5.79
C THR A 2 10.24 -0.57 5.55
N PRO A 3 9.29 -0.89 6.44
CA PRO A 3 7.91 -0.37 6.35
C PRO A 3 7.81 1.08 6.79
N PHE A 4 7.95 2.00 5.84
CA PHE A 4 7.88 3.42 6.12
C PHE A 4 6.96 4.12 5.13
N TRP A 5 5.68 4.15 5.46
CA TRP A 5 4.68 4.79 4.61
C TRP A 5 4.73 6.30 4.81
N ARG A 6 4.14 7.03 3.88
CA ARG A 6 4.10 8.48 3.94
C ARG A 6 2.67 8.98 3.85
N GLY A 7 2.34 9.92 4.72
CA GLY A 7 0.99 10.48 4.73
C GLY A 7 0.70 11.28 3.48
N VAL A 8 1.71 11.95 2.94
CA VAL A 8 1.54 12.74 1.74
C VAL A 8 2.18 12.03 0.55
N SER A 9 1.34 11.33 -0.20
CA SER A 9 1.79 10.58 -1.38
C SER A 9 0.59 9.91 -2.05
N LEU A 10 0.81 8.73 -2.58
CA LEU A 10 -0.24 7.97 -3.24
C LEU A 10 -1.03 7.17 -2.21
N ARG A 11 -1.40 5.96 -2.53
CA ARG A 11 -2.19 5.15 -1.61
C ARG A 11 -1.31 4.49 -0.56
N PRO A 12 -1.49 4.86 0.72
CA PRO A 12 -0.73 4.30 1.83
C PRO A 12 -1.18 2.88 2.16
N ILE A 13 -0.61 2.29 3.20
CA ILE A 13 -0.95 0.93 3.61
C ILE A 13 -2.43 0.78 3.95
N GLY A 14 -2.93 1.69 4.77
CA GLY A 14 -4.33 1.64 5.17
C GLY A 14 -5.25 2.23 4.13
N ALA A 15 -5.09 1.79 2.88
CA ALA A 15 -5.93 2.29 1.80
C ALA A 15 -6.33 1.17 0.84
N SER A 16 -7.29 1.49 -0.02
CA SER A 16 -7.77 0.55 -1.01
C SER A 16 -6.80 0.54 -2.19
N CYS A 17 -6.95 -0.43 -3.09
CA CYS A 17 -6.04 -0.53 -4.21
C CYS A 17 -6.74 -0.93 -5.51
N ARG A 18 -6.05 -0.65 -6.61
CA ARG A 18 -6.51 -0.97 -7.95
C ARG A 18 -5.40 -1.70 -8.69
N ASP A 19 -4.16 -1.32 -8.38
CA ASP A 19 -2.96 -1.90 -8.95
C ASP A 19 -1.80 -1.54 -8.03
N ASP A 20 -0.71 -2.28 -8.07
CA ASP A 20 0.43 -2.00 -7.18
C ASP A 20 0.88 -0.54 -7.31
N SER A 21 0.77 0.00 -8.54
CA SER A 21 1.16 1.38 -8.82
C SER A 21 0.39 2.37 -7.94
N GLU A 22 -0.78 1.95 -7.47
CA GLU A 22 -1.61 2.79 -6.63
C GLU A 22 -1.04 2.87 -5.22
N CYS A 23 -0.40 1.79 -4.77
CA CYS A 23 0.14 1.74 -3.43
C CYS A 23 1.56 2.28 -3.38
N ILE A 24 1.80 3.08 -2.36
CA ILE A 24 3.10 3.71 -2.12
C ILE A 24 4.26 2.72 -2.14
N THR A 25 4.02 1.54 -1.60
CA THR A 25 5.05 0.51 -1.53
C THR A 25 4.96 -0.51 -2.67
N ARG A 26 4.09 -0.25 -3.66
CA ARG A 26 3.90 -1.16 -4.79
C ARG A 26 3.57 -2.57 -4.26
N LEU A 27 2.51 -2.65 -3.49
CA LEU A 27 2.09 -3.91 -2.90
C LEU A 27 0.57 -4.00 -2.82
N CYS A 28 -0.05 -4.39 -3.93
CA CYS A 28 -1.49 -4.52 -4.01
C CYS A 28 -1.91 -5.92 -3.58
N ARG A 29 -2.45 -6.03 -2.38
CA ARG A 29 -2.87 -7.32 -1.85
C ARG A 29 -4.36 -7.33 -1.55
N LYS A 30 -5.08 -8.25 -2.20
CA LYS A 30 -6.53 -8.41 -2.00
C LYS A 30 -7.29 -7.12 -2.29
N ARG A 31 -6.87 -6.43 -3.35
CA ARG A 31 -7.50 -5.17 -3.78
C ARG A 31 -7.28 -4.05 -2.74
N ARG A 32 -6.28 -4.23 -1.90
CA ARG A 32 -5.95 -3.25 -0.89
C ARG A 32 -4.46 -3.05 -0.86
N CYS A 33 -4.02 -2.02 -0.17
CA CYS A 33 -2.60 -1.74 -0.07
C CYS A 33 -2.00 -2.44 1.13
N SER A 34 -0.68 -2.50 1.15
CA SER A 34 0.05 -3.13 2.23
C SER A 34 1.47 -2.61 2.28
N LEU A 35 2.10 -2.77 3.43
CA LEU A 35 3.48 -2.34 3.61
C LEU A 35 4.37 -3.56 3.69
N SER A 36 5.55 -3.39 4.25
CA SER A 36 6.50 -4.48 4.40
C SER A 36 6.01 -5.53 5.40
N VAL A 37 4.98 -6.26 5.00
CA VAL A 37 4.40 -7.32 5.82
C VAL A 37 4.23 -8.58 4.97
N ALA A 38 5.29 -8.89 4.24
CA ALA A 38 5.33 -10.05 3.36
C ALA A 38 6.77 -10.35 2.98
N GLN A 39 7.45 -9.34 2.45
CA GLN A 39 8.84 -9.45 2.05
C GLN A 39 9.44 -8.07 1.93
N GLU A 40 8.92 -7.29 0.98
CA GLU A 40 9.39 -5.95 0.74
C GLU A 40 8.49 -4.97 1.47
N MET A 1 12.19 -2.71 6.14
CA MET A 1 12.29 -1.36 5.54
C MET A 1 11.95 -0.31 6.59
N THR A 2 12.85 0.65 6.77
CA THR A 2 12.64 1.71 7.75
C THR A 2 11.47 2.62 7.37
N PRO A 3 11.50 3.26 6.19
CA PRO A 3 10.41 4.15 5.75
C PRO A 3 9.24 3.35 5.15
N PHE A 4 8.55 2.60 6.00
CA PHE A 4 7.40 1.78 5.58
C PHE A 4 6.36 2.64 4.87
N TRP A 5 5.99 3.74 5.50
CA TRP A 5 5.00 4.65 4.93
C TRP A 5 5.55 6.07 4.92
N ARG A 6 5.05 6.88 4.01
CA ARG A 6 5.48 8.27 3.88
C ARG A 6 4.28 9.20 3.88
N GLY A 7 4.53 10.50 3.91
CA GLY A 7 3.45 11.47 3.90
C GLY A 7 2.92 11.72 2.51
N VAL A 8 3.65 12.50 1.72
CA VAL A 8 3.25 12.80 0.37
C VAL A 8 3.74 11.72 -0.59
N SER A 9 2.84 10.81 -0.90
CA SER A 9 3.15 9.69 -1.79
C SER A 9 1.87 9.14 -2.41
N LEU A 10 1.87 7.87 -2.75
CA LEU A 10 0.71 7.22 -3.32
C LEU A 10 -0.24 6.79 -2.22
N ARG A 11 -1.00 5.75 -2.48
CA ARG A 11 -1.96 5.23 -1.50
C ARG A 11 -1.21 4.66 -0.30
N PRO A 12 -1.55 5.13 0.91
CA PRO A 12 -0.91 4.68 2.16
C PRO A 12 -1.19 3.21 2.46
N ILE A 13 -0.79 2.79 3.66
CA ILE A 13 -0.95 1.40 4.10
C ILE A 13 -2.39 0.94 4.08
N GLY A 14 -3.17 1.45 5.02
CA GLY A 14 -4.57 1.08 5.12
C GLY A 14 -5.43 1.69 4.03
N ALA A 15 -4.93 1.72 2.81
CA ALA A 15 -5.69 2.29 1.70
C ALA A 15 -6.22 1.20 0.78
N SER A 16 -7.07 1.62 -0.16
CA SER A 16 -7.64 0.72 -1.13
C SER A 16 -6.74 0.67 -2.35
N CYS A 17 -6.84 -0.40 -3.13
CA CYS A 17 -5.98 -0.54 -4.29
C CYS A 17 -6.74 -0.95 -5.56
N ARG A 18 -6.08 -0.72 -6.68
CA ARG A 18 -6.59 -1.05 -8.01
C ARG A 18 -5.45 -1.62 -8.85
N ASP A 19 -4.23 -1.22 -8.52
CA ASP A 19 -3.01 -1.64 -9.19
C ASP A 19 -1.89 -1.47 -8.18
N ASP A 20 -0.87 -2.31 -8.20
CA ASP A 20 0.23 -2.18 -7.22
C ASP A 20 0.80 -0.77 -7.24
N SER A 21 0.87 -0.19 -8.43
CA SER A 21 1.41 1.15 -8.63
C SER A 21 0.59 2.21 -7.90
N GLU A 22 -0.65 1.86 -7.54
CA GLU A 22 -1.53 2.79 -6.84
C GLU A 22 -1.11 2.91 -5.38
N CYS A 23 -0.49 1.86 -4.86
CA CYS A 23 -0.05 1.84 -3.47
C CYS A 23 1.39 2.29 -3.35
N ILE A 24 1.68 2.99 -2.25
CA ILE A 24 3.01 3.51 -1.98
C ILE A 24 4.10 2.43 -2.04
N THR A 25 3.79 1.27 -1.48
CA THR A 25 4.75 0.17 -1.44
C THR A 25 4.68 -0.71 -2.69
N ARG A 26 3.82 -0.35 -3.65
CA ARG A 26 3.65 -1.11 -4.88
C ARG A 26 3.31 -2.57 -4.59
N LEU A 27 2.36 -2.76 -3.69
CA LEU A 27 1.92 -4.08 -3.30
C LEU A 27 0.40 -4.10 -3.18
N CYS A 28 -0.26 -4.54 -4.24
CA CYS A 28 -1.71 -4.61 -4.27
C CYS A 28 -2.18 -5.93 -3.67
N ARG A 29 -2.22 -5.97 -2.35
CA ARG A 29 -2.61 -7.15 -1.61
C ARG A 29 -4.12 -7.18 -1.36
N LYS A 30 -4.80 -8.13 -2.01
CA LYS A 30 -6.25 -8.31 -1.87
C LYS A 30 -7.01 -7.04 -2.23
N ARG A 31 -6.54 -6.37 -3.29
CA ARG A 31 -7.17 -5.14 -3.78
C ARG A 31 -7.02 -4.00 -2.76
N ARG A 32 -6.04 -4.13 -1.88
CA ARG A 32 -5.76 -3.12 -0.88
C ARG A 32 -4.25 -2.94 -0.76
N CYS A 33 -3.83 -1.90 -0.07
CA CYS A 33 -2.41 -1.66 0.08
C CYS A 33 -1.86 -2.39 1.30
N SER A 34 -0.58 -2.68 1.27
CA SER A 34 0.10 -3.38 2.35
C SER A 34 1.60 -3.15 2.25
N LEU A 35 2.28 -3.25 3.37
CA LEU A 35 3.72 -3.06 3.41
C LEU A 35 4.40 -4.38 3.03
N SER A 36 5.70 -4.48 3.30
CA SER A 36 6.45 -5.69 3.00
C SER A 36 6.15 -6.79 4.02
N VAL A 37 4.87 -6.93 4.37
CA VAL A 37 4.41 -7.93 5.34
C VAL A 37 4.32 -9.32 4.72
N ALA A 38 5.34 -9.65 3.94
CA ALA A 38 5.45 -10.93 3.27
C ALA A 38 6.88 -11.14 2.83
N GLN A 39 7.78 -10.46 3.54
CA GLN A 39 9.20 -10.52 3.26
C GLN A 39 9.98 -10.11 4.50
N GLU A 40 9.49 -9.09 5.18
CA GLU A 40 10.11 -8.58 6.39
C GLU A 40 9.17 -8.79 7.55
N MET A 1 -3.38 2.39 13.93
CA MET A 1 -2.85 1.71 15.13
C MET A 1 -1.42 1.23 14.86
N THR A 2 -1.28 0.01 14.38
CA THR A 2 0.03 -0.53 14.07
C THR A 2 0.67 0.23 12.90
N PRO A 3 0.02 0.28 11.72
CA PRO A 3 0.54 1.00 10.57
C PRO A 3 0.23 2.49 10.68
N PHE A 4 1.20 3.33 10.33
CA PHE A 4 1.04 4.77 10.39
C PHE A 4 1.18 5.39 9.01
N TRP A 5 0.15 5.25 8.20
CA TRP A 5 0.15 5.80 6.85
C TRP A 5 -0.10 7.30 6.90
N ARG A 6 0.44 8.02 5.92
CA ARG A 6 0.28 9.47 5.86
C ARG A 6 -0.52 9.86 4.62
N GLY A 7 -0.90 11.13 4.54
CA GLY A 7 -1.67 11.63 3.42
C GLY A 7 -0.81 11.83 2.19
N VAL A 8 -0.37 10.72 1.63
CA VAL A 8 0.46 10.74 0.44
C VAL A 8 -0.37 11.10 -0.80
N SER A 9 0.30 11.46 -1.88
CA SER A 9 -0.37 11.86 -3.12
C SER A 9 -0.78 10.65 -3.94
N LEU A 10 -0.71 9.49 -3.32
CA LEU A 10 -1.08 8.25 -3.96
C LEU A 10 -1.84 7.40 -2.97
N ARG A 11 -1.82 6.10 -3.17
CA ARG A 11 -2.54 5.19 -2.30
C ARG A 11 -1.66 4.71 -1.14
N PRO A 12 -2.10 4.97 0.10
CA PRO A 12 -1.37 4.57 1.29
C PRO A 12 -1.63 3.12 1.67
N ILE A 13 -0.71 2.53 2.41
CA ILE A 13 -0.82 1.12 2.83
C ILE A 13 -2.17 0.79 3.46
N GLY A 14 -2.60 1.61 4.40
CA GLY A 14 -3.86 1.37 5.06
C GLY A 14 -5.07 1.83 4.26
N ALA A 15 -5.07 1.53 2.96
CA ALA A 15 -6.19 1.93 2.11
C ALA A 15 -6.45 0.91 1.02
N SER A 16 -7.51 1.16 0.25
CA SER A 16 -7.87 0.30 -0.86
C SER A 16 -6.91 0.50 -2.02
N CYS A 17 -6.90 -0.45 -2.94
CA CYS A 17 -6.00 -0.38 -4.07
C CYS A 17 -6.69 -0.60 -5.40
N ARG A 18 -6.02 -0.18 -6.46
CA ARG A 18 -6.48 -0.34 -7.83
C ARG A 18 -5.41 -1.07 -8.62
N ASP A 19 -4.16 -0.78 -8.28
CA ASP A 19 -2.98 -1.38 -8.91
C ASP A 19 -1.80 -1.17 -7.98
N ASP A 20 -0.85 -2.11 -7.94
CA ASP A 20 0.31 -2.00 -7.05
C ASP A 20 1.00 -0.66 -7.21
N SER A 21 1.11 -0.19 -8.45
CA SER A 21 1.77 1.09 -8.75
C SER A 21 1.11 2.23 -7.97
N GLU A 22 -0.20 2.16 -7.82
CA GLU A 22 -0.95 3.19 -7.12
C GLU A 22 -0.60 3.21 -5.64
N CYS A 23 -0.23 2.06 -5.11
CA CYS A 23 0.10 1.95 -3.70
C CYS A 23 1.54 2.34 -3.45
N ILE A 24 1.72 3.14 -2.41
CA ILE A 24 3.04 3.59 -1.99
C ILE A 24 3.94 2.38 -1.72
N THR A 25 3.31 1.33 -1.21
CA THR A 25 3.98 0.09 -0.88
C THR A 25 4.19 -0.80 -2.10
N ARG A 26 3.49 -0.47 -3.21
CA ARG A 26 3.59 -1.25 -4.46
C ARG A 26 3.15 -2.68 -4.25
N LEU A 27 2.22 -2.88 -3.31
CA LEU A 27 1.69 -4.20 -3.04
C LEU A 27 0.17 -4.16 -3.02
N CYS A 28 -0.41 -4.48 -4.15
CA CYS A 28 -1.86 -4.49 -4.29
C CYS A 28 -2.40 -5.87 -3.94
N ARG A 29 -2.24 -6.24 -2.68
CA ARG A 29 -2.67 -7.56 -2.23
C ARG A 29 -4.03 -7.48 -1.56
N LYS A 30 -4.90 -8.41 -1.92
CA LYS A 30 -6.25 -8.48 -1.37
C LYS A 30 -7.02 -7.21 -1.73
N ARG A 31 -6.67 -6.62 -2.88
CA ARG A 31 -7.31 -5.40 -3.37
C ARG A 31 -7.01 -4.22 -2.44
N ARG A 32 -5.96 -4.36 -1.65
CA ARG A 32 -5.57 -3.31 -0.72
C ARG A 32 -4.10 -3.00 -0.89
N CYS A 33 -3.67 -1.90 -0.28
CA CYS A 33 -2.29 -1.46 -0.36
C CYS A 33 -1.46 -2.03 0.79
N SER A 34 -2.05 -2.98 1.48
CA SER A 34 -1.44 -3.65 2.61
C SER A 34 -0.04 -4.18 2.29
N LEU A 35 0.84 -4.15 3.27
CA LEU A 35 2.20 -4.64 3.11
C LEU A 35 2.22 -6.15 3.27
N SER A 36 3.40 -6.72 3.46
CA SER A 36 3.56 -8.15 3.65
C SER A 36 3.07 -8.59 5.04
N VAL A 37 1.83 -8.27 5.35
CA VAL A 37 1.22 -8.61 6.62
C VAL A 37 0.13 -9.64 6.41
N ALA A 38 0.23 -10.36 5.31
CA ALA A 38 -0.73 -11.39 4.97
C ALA A 38 0.00 -12.63 4.48
N GLN A 39 -0.52 -13.80 4.84
CA GLN A 39 0.08 -15.05 4.43
C GLN A 39 -0.72 -15.68 3.30
N GLU A 40 -1.07 -14.84 2.32
CA GLU A 40 -1.84 -15.27 1.16
C GLU A 40 -1.12 -14.85 -0.12
N MET A 1 8.70 -3.90 8.19
CA MET A 1 8.19 -4.04 9.58
C MET A 1 7.29 -2.86 9.92
N THR A 2 7.91 -1.73 10.22
CA THR A 2 7.19 -0.52 10.56
C THR A 2 6.41 0.02 9.36
N PRO A 3 5.13 0.36 9.57
CA PRO A 3 4.28 0.90 8.50
C PRO A 3 4.66 2.33 8.15
N PHE A 4 4.73 2.61 6.86
CA PHE A 4 5.09 3.95 6.40
C PHE A 4 3.84 4.68 5.92
N TRP A 5 2.98 5.04 6.86
CA TRP A 5 1.75 5.75 6.53
C TRP A 5 1.91 7.23 6.89
N ARG A 6 3.14 7.65 7.13
CA ARG A 6 3.44 9.03 7.48
C ARG A 6 4.29 9.67 6.40
N GLY A 7 3.83 9.55 5.16
CA GLY A 7 4.55 10.10 4.04
C GLY A 7 3.65 10.26 2.84
N VAL A 8 3.35 11.51 2.51
CA VAL A 8 2.49 11.81 1.38
C VAL A 8 3.09 11.32 0.07
N SER A 9 2.33 10.47 -0.59
CA SER A 9 2.72 9.86 -1.86
C SER A 9 1.47 9.24 -2.49
N LEU A 10 1.57 7.98 -2.84
CA LEU A 10 0.45 7.25 -3.43
C LEU A 10 -0.50 6.80 -2.33
N ARG A 11 -1.17 5.71 -2.56
CA ARG A 11 -2.11 5.16 -1.57
C ARG A 11 -1.34 4.57 -0.40
N PRO A 12 -1.60 5.08 0.82
CA PRO A 12 -0.93 4.62 2.03
C PRO A 12 -1.22 3.15 2.37
N ILE A 13 -0.66 2.69 3.48
CA ILE A 13 -0.83 1.31 3.93
C ILE A 13 -2.29 0.93 4.06
N GLY A 14 -2.98 1.60 4.97
CA GLY A 14 -4.39 1.32 5.19
C GLY A 14 -5.28 1.92 4.13
N ALA A 15 -4.91 1.77 2.86
CA ALA A 15 -5.71 2.31 1.77
C ALA A 15 -6.20 1.22 0.84
N SER A 16 -7.09 1.59 -0.08
CA SER A 16 -7.62 0.65 -1.05
C SER A 16 -6.69 0.60 -2.26
N CYS A 17 -6.81 -0.45 -3.07
CA CYS A 17 -5.92 -0.58 -4.21
C CYS A 17 -6.64 -1.05 -5.48
N ARG A 18 -5.96 -0.79 -6.59
CA ARG A 18 -6.44 -1.18 -7.92
C ARG A 18 -5.28 -1.82 -8.70
N ASP A 19 -4.07 -1.36 -8.40
CA ASP A 19 -2.84 -1.85 -9.02
C ASP A 19 -1.69 -1.56 -8.08
N ASP A 20 -0.59 -2.30 -8.16
CA ASP A 20 0.55 -2.09 -7.26
C ASP A 20 0.99 -0.63 -7.28
N SER A 21 1.03 -0.03 -8.47
CA SER A 21 1.47 1.35 -8.65
C SER A 21 0.55 2.33 -7.95
N GLU A 22 -0.65 1.87 -7.59
CA GLU A 22 -1.61 2.71 -6.91
C GLU A 22 -1.23 2.86 -5.44
N CYS A 23 -0.53 1.86 -4.90
CA CYS A 23 -0.12 1.89 -3.51
C CYS A 23 1.32 2.37 -3.39
N ILE A 24 1.60 3.09 -2.30
CA ILE A 24 2.92 3.64 -2.03
C ILE A 24 3.99 2.55 -1.96
N THR A 25 3.60 1.40 -1.45
CA THR A 25 4.52 0.28 -1.31
C THR A 25 4.63 -0.58 -2.57
N ARG A 26 3.84 -0.23 -3.59
CA ARG A 26 3.84 -0.97 -4.86
C ARG A 26 3.54 -2.46 -4.61
N LEU A 27 2.61 -2.69 -3.70
CA LEU A 27 2.20 -4.05 -3.36
C LEU A 27 0.69 -4.09 -3.18
N CYS A 28 0.00 -4.49 -4.24
CA CYS A 28 -1.44 -4.58 -4.25
C CYS A 28 -1.87 -5.98 -3.81
N ARG A 29 -2.53 -6.06 -2.66
CA ARG A 29 -2.97 -7.34 -2.16
C ARG A 29 -4.42 -7.28 -1.70
N LYS A 30 -5.22 -8.27 -2.13
CA LYS A 30 -6.66 -8.37 -1.81
C LYS A 30 -7.39 -7.06 -2.05
N ARG A 31 -6.99 -6.37 -3.12
CA ARG A 31 -7.58 -5.09 -3.55
C ARG A 31 -7.32 -3.98 -2.54
N ARG A 32 -6.26 -4.12 -1.76
CA ARG A 32 -5.89 -3.12 -0.78
C ARG A 32 -4.38 -2.99 -0.76
N CYS A 33 -3.87 -1.99 -0.07
CA CYS A 33 -2.45 -1.80 0.03
C CYS A 33 -1.90 -2.68 1.15
N SER A 34 -0.64 -3.03 1.05
CA SER A 34 -0.01 -3.87 2.05
C SER A 34 1.50 -3.63 2.10
N LEU A 35 2.11 -4.06 3.18
CA LEU A 35 3.54 -3.94 3.37
C LEU A 35 4.15 -5.32 3.41
N SER A 36 5.36 -5.43 3.94
CA SER A 36 6.04 -6.70 4.06
C SER A 36 5.45 -7.53 5.21
N VAL A 37 4.13 -7.56 5.27
CA VAL A 37 3.41 -8.30 6.31
C VAL A 37 2.58 -9.40 5.68
N ALA A 38 2.96 -9.78 4.46
CA ALA A 38 2.26 -10.82 3.73
C ALA A 38 2.65 -12.21 4.26
N GLN A 39 2.14 -12.53 5.43
CA GLN A 39 2.41 -13.81 6.07
C GLN A 39 1.17 -14.70 6.01
N GLU A 40 0.38 -14.50 4.95
CA GLU A 40 -0.85 -15.26 4.75
C GLU A 40 -0.80 -15.96 3.40
N MET A 1 7.59 1.03 9.73
CA MET A 1 7.25 2.10 8.77
C MET A 1 5.79 2.52 8.97
N THR A 2 5.60 3.64 9.66
CA THR A 2 4.25 4.13 9.94
C THR A 2 4.07 5.60 9.51
N PRO A 3 4.89 6.54 10.02
CA PRO A 3 4.77 7.96 9.66
C PRO A 3 5.47 8.26 8.33
N PHE A 4 5.12 7.50 7.32
CA PHE A 4 5.70 7.67 5.99
C PHE A 4 4.60 7.69 4.94
N TRP A 5 3.68 6.73 5.04
CA TRP A 5 2.57 6.63 4.10
C TRP A 5 1.44 7.57 4.49
N ARG A 6 1.79 8.78 4.93
CA ARG A 6 0.81 9.76 5.34
C ARG A 6 1.06 11.09 4.64
N GLY A 7 2.00 11.07 3.69
CA GLY A 7 2.33 12.29 2.96
C GLY A 7 2.83 11.96 1.57
N VAL A 8 2.13 11.07 0.88
CA VAL A 8 2.52 10.65 -0.46
C VAL A 8 1.39 10.90 -1.46
N SER A 9 1.76 10.97 -2.73
CA SER A 9 0.79 11.20 -3.80
C SER A 9 0.19 9.90 -4.29
N LEU A 10 0.47 8.84 -3.57
CA LEU A 10 -0.03 7.53 -3.90
C LEU A 10 -0.98 7.07 -2.82
N ARG A 11 -1.35 5.82 -2.88
CA ARG A 11 -2.26 5.23 -1.91
C ARG A 11 -1.50 4.65 -0.73
N PRO A 12 -1.84 5.08 0.50
CA PRO A 12 -1.19 4.57 1.71
C PRO A 12 -1.50 3.09 1.91
N ILE A 13 -0.72 2.41 2.75
CA ILE A 13 -0.93 0.99 3.00
C ILE A 13 -2.30 0.75 3.62
N GLY A 14 -2.70 1.68 4.47
CA GLY A 14 -4.00 1.57 5.11
C GLY A 14 -5.12 2.10 4.24
N ALA A 15 -5.13 1.70 2.98
CA ALA A 15 -6.16 2.15 2.04
C ALA A 15 -6.47 1.08 1.00
N SER A 16 -7.40 1.40 0.11
CA SER A 16 -7.80 0.51 -0.96
C SER A 16 -6.80 0.57 -2.11
N CYS A 17 -6.83 -0.43 -2.97
CA CYS A 17 -5.92 -0.50 -4.09
C CYS A 17 -6.63 -0.65 -5.43
N ARG A 18 -5.88 -0.37 -6.48
CA ARG A 18 -6.34 -0.49 -7.86
C ARG A 18 -5.26 -1.21 -8.66
N ASP A 19 -4.02 -0.97 -8.30
CA ASP A 19 -2.86 -1.56 -8.94
C ASP A 19 -1.69 -1.41 -7.98
N ASP A 20 -0.64 -2.22 -8.10
CA ASP A 20 0.49 -2.11 -7.18
C ASP A 20 1.03 -0.68 -7.19
N SER A 21 1.11 -0.10 -8.38
CA SER A 21 1.62 1.25 -8.56
C SER A 21 0.77 2.27 -7.81
N GLU A 22 -0.49 1.92 -7.58
CA GLU A 22 -1.40 2.80 -6.87
C GLU A 22 -0.95 2.89 -5.42
N CYS A 23 -0.44 1.79 -4.89
CA CYS A 23 0.00 1.74 -3.51
C CYS A 23 1.41 2.28 -3.38
N ILE A 24 1.64 3.02 -2.30
CA ILE A 24 2.93 3.63 -2.02
C ILE A 24 4.08 2.61 -2.05
N THR A 25 3.84 1.44 -1.52
CA THR A 25 4.86 0.39 -1.46
C THR A 25 4.80 -0.58 -2.65
N ARG A 26 3.97 -0.24 -3.65
CA ARG A 26 3.80 -1.08 -4.84
C ARG A 26 3.47 -2.52 -4.45
N LEU A 27 2.43 -2.68 -3.65
CA LEU A 27 2.00 -3.99 -3.20
C LEU A 27 0.49 -4.04 -3.09
N CYS A 28 -0.15 -4.49 -4.15
CA CYS A 28 -1.59 -4.61 -4.19
C CYS A 28 -2.01 -6.00 -3.70
N ARG A 29 -2.42 -6.08 -2.45
CA ARG A 29 -2.80 -7.36 -1.87
C ARG A 29 -4.26 -7.40 -1.48
N LYS A 30 -5.00 -8.33 -2.08
CA LYS A 30 -6.42 -8.53 -1.79
C LYS A 30 -7.25 -7.27 -2.03
N ARG A 31 -6.91 -6.55 -3.11
CA ARG A 31 -7.61 -5.32 -3.51
C ARG A 31 -7.28 -4.15 -2.56
N ARG A 32 -6.40 -4.37 -1.61
CA ARG A 32 -6.02 -3.31 -0.67
C ARG A 32 -4.52 -3.11 -0.73
N CYS A 33 -4.05 -2.06 -0.10
CA CYS A 33 -2.63 -1.76 -0.08
C CYS A 33 -1.99 -2.46 1.12
N SER A 34 -0.69 -2.55 1.11
CA SER A 34 0.05 -3.20 2.19
C SER A 34 1.46 -2.64 2.26
N LEU A 35 2.12 -2.86 3.39
CA LEU A 35 3.49 -2.41 3.58
C LEU A 35 4.43 -3.41 2.90
N SER A 36 5.67 -3.45 3.35
CA SER A 36 6.67 -4.36 2.81
C SER A 36 6.38 -5.80 3.29
N VAL A 37 5.16 -6.26 3.04
CA VAL A 37 4.73 -7.58 3.42
C VAL A 37 4.16 -8.32 2.23
N ALA A 38 5.04 -8.79 1.36
CA ALA A 38 4.63 -9.52 0.16
C ALA A 38 4.02 -10.86 0.52
N GLN A 39 4.38 -11.38 1.68
CA GLN A 39 3.87 -12.66 2.16
C GLN A 39 2.74 -12.44 3.17
N GLU A 40 2.25 -13.53 3.73
CA GLU A 40 1.17 -13.47 4.71
C GLU A 40 1.72 -13.82 6.09
N MET A 1 8.84 -5.17 10.38
CA MET A 1 7.41 -4.97 10.74
C MET A 1 7.07 -3.49 10.78
N THR A 2 8.08 -2.64 10.97
CA THR A 2 7.89 -1.21 11.02
C THR A 2 7.46 -0.66 9.65
N PRO A 3 6.35 0.09 9.61
CA PRO A 3 5.83 0.68 8.37
C PRO A 3 6.68 1.85 7.89
N PHE A 4 7.75 1.53 7.19
CA PHE A 4 8.65 2.55 6.67
C PHE A 4 8.12 3.12 5.36
N TRP A 5 6.96 3.73 5.43
CA TRP A 5 6.34 4.33 4.25
C TRP A 5 6.78 5.79 4.12
N ARG A 6 6.58 6.37 2.96
CA ARG A 6 6.98 7.75 2.70
C ARG A 6 5.91 8.74 3.12
N GLY A 7 4.89 8.26 3.82
CA GLY A 7 3.82 9.12 4.27
C GLY A 7 2.80 9.42 3.19
N VAL A 8 3.25 10.07 2.13
CA VAL A 8 2.37 10.43 1.03
C VAL A 8 3.11 10.45 -0.29
N SER A 9 2.47 9.90 -1.31
CA SER A 9 3.01 9.83 -2.66
C SER A 9 2.02 9.12 -3.56
N LEU A 10 1.46 8.09 -3.01
CA LEU A 10 0.48 7.25 -3.65
C LEU A 10 -0.56 6.86 -2.63
N ARG A 11 -1.23 5.75 -2.87
CA ARG A 11 -2.25 5.26 -1.96
C ARG A 11 -1.58 4.72 -0.69
N PRO A 12 -2.03 5.20 0.48
CA PRO A 12 -1.47 4.78 1.77
C PRO A 12 -1.56 3.28 2.03
N ILE A 13 -0.83 2.81 3.04
CA ILE A 13 -0.80 1.41 3.41
C ILE A 13 -2.19 0.87 3.69
N GLY A 14 -2.78 1.35 4.75
CA GLY A 14 -4.13 0.93 5.13
C GLY A 14 -5.21 1.51 4.25
N ALA A 15 -4.97 1.54 2.93
CA ALA A 15 -5.96 2.08 2.00
C ALA A 15 -6.35 1.04 0.96
N SER A 16 -7.24 1.44 0.06
CA SER A 16 -7.70 0.56 -1.00
C SER A 16 -6.72 0.59 -2.17
N CYS A 17 -6.76 -0.44 -2.99
CA CYS A 17 -5.84 -0.53 -4.11
C CYS A 17 -6.57 -0.74 -5.43
N ARG A 18 -5.88 -0.41 -6.50
CA ARG A 18 -6.38 -0.55 -7.87
C ARG A 18 -5.31 -1.24 -8.73
N ASP A 19 -4.06 -1.04 -8.35
CA ASP A 19 -2.89 -1.60 -9.02
C ASP A 19 -1.71 -1.43 -8.05
N ASP A 20 -0.66 -2.22 -8.18
CA ASP A 20 0.49 -2.08 -7.27
C ASP A 20 1.04 -0.66 -7.33
N SER A 21 1.06 -0.10 -8.53
CA SER A 21 1.57 1.25 -8.75
C SER A 21 0.74 2.28 -7.99
N GLU A 22 -0.50 1.91 -7.68
CA GLU A 22 -1.39 2.77 -6.93
C GLU A 22 -0.97 2.83 -5.48
N CYS A 23 -0.40 1.74 -4.99
CA CYS A 23 0.03 1.67 -3.61
C CYS A 23 1.41 2.26 -3.44
N ILE A 24 1.58 3.00 -2.34
CA ILE A 24 2.84 3.63 -2.01
C ILE A 24 3.98 2.61 -1.94
N THR A 25 3.66 1.42 -1.48
CA THR A 25 4.63 0.35 -1.34
C THR A 25 4.71 -0.56 -2.57
N ARG A 26 3.89 -0.29 -3.59
CA ARG A 26 3.88 -1.10 -4.82
C ARG A 26 3.54 -2.56 -4.50
N LEU A 27 2.59 -2.74 -3.59
CA LEU A 27 2.17 -4.08 -3.20
C LEU A 27 0.66 -4.15 -3.08
N CYS A 28 0.01 -4.56 -4.15
CA CYS A 28 -1.44 -4.66 -4.19
C CYS A 28 -1.89 -6.06 -3.75
N ARG A 29 -2.47 -6.15 -2.57
CA ARG A 29 -2.93 -7.43 -2.06
C ARG A 29 -4.36 -7.31 -1.53
N LYS A 30 -5.20 -8.27 -1.91
CA LYS A 30 -6.62 -8.34 -1.49
C LYS A 30 -7.38 -7.06 -1.87
N ARG A 31 -6.96 -6.44 -2.97
CA ARG A 31 -7.58 -5.20 -3.48
C ARG A 31 -7.33 -4.02 -2.54
N ARG A 32 -6.32 -4.14 -1.72
CA ARG A 32 -5.94 -3.08 -0.78
C ARG A 32 -4.43 -2.99 -0.72
N CYS A 33 -3.93 -1.91 -0.15
CA CYS A 33 -2.49 -1.74 -0.04
C CYS A 33 -1.98 -2.46 1.18
N SER A 34 -0.68 -2.69 1.22
CA SER A 34 -0.04 -3.37 2.33
C SER A 34 1.47 -3.13 2.32
N LEU A 35 2.11 -3.47 3.43
CA LEU A 35 3.56 -3.32 3.56
C LEU A 35 4.24 -4.56 3.01
N SER A 36 5.37 -4.91 3.60
CA SER A 36 6.11 -6.09 3.20
C SER A 36 5.38 -7.37 3.65
N VAL A 37 4.20 -7.59 3.08
CA VAL A 37 3.38 -8.75 3.40
C VAL A 37 2.66 -9.21 2.14
N ALA A 38 3.36 -10.00 1.34
CA ALA A 38 2.80 -10.51 0.09
C ALA A 38 2.68 -12.03 0.10
N GLN A 39 3.54 -12.67 0.87
CA GLN A 39 3.53 -14.13 0.97
C GLN A 39 2.90 -14.54 2.29
N GLU A 40 2.97 -13.64 3.23
CA GLU A 40 2.43 -13.84 4.56
C GLU A 40 1.05 -13.17 4.67
N MET A 1 -4.39 4.05 12.44
CA MET A 1 -3.83 2.69 12.64
C MET A 1 -2.58 2.77 13.49
N THR A 2 -1.92 1.63 13.72
CA THR A 2 -0.70 1.59 14.51
C THR A 2 0.41 2.40 13.85
N PRO A 3 0.79 2.10 12.58
CA PRO A 3 1.82 2.86 11.89
C PRO A 3 1.34 4.24 11.48
N PHE A 4 2.10 5.26 11.87
CA PHE A 4 1.75 6.64 11.56
C PHE A 4 2.32 7.06 10.22
N TRP A 5 1.80 6.46 9.17
CA TRP A 5 2.24 6.78 7.81
C TRP A 5 1.70 8.13 7.37
N ARG A 6 2.50 8.86 6.61
CA ARG A 6 2.11 10.18 6.14
C ARG A 6 1.11 10.09 4.99
N GLY A 7 0.33 11.15 4.84
CA GLY A 7 -0.68 11.21 3.79
C GLY A 7 -0.05 11.54 2.45
N VAL A 8 0.60 10.54 1.87
CA VAL A 8 1.25 10.67 0.58
C VAL A 8 0.26 11.01 -0.52
N SER A 9 0.78 11.42 -1.68
CA SER A 9 -0.03 11.82 -2.83
C SER A 9 -0.59 10.62 -3.58
N LEU A 10 -0.61 9.48 -2.93
CA LEU A 10 -1.13 8.26 -3.50
C LEU A 10 -1.74 7.43 -2.40
N ARG A 11 -1.83 6.13 -2.59
CA ARG A 11 -2.45 5.26 -1.61
C ARG A 11 -1.43 4.73 -0.60
N PRO A 12 -1.61 5.08 0.68
CA PRO A 12 -0.75 4.62 1.76
C PRO A 12 -1.04 3.15 2.12
N ILE A 13 -0.58 2.72 3.28
CA ILE A 13 -0.77 1.34 3.72
C ILE A 13 -2.24 1.01 3.96
N GLY A 14 -2.90 1.80 4.81
CA GLY A 14 -4.30 1.55 5.11
C GLY A 14 -5.25 2.06 4.04
N ALA A 15 -4.93 1.80 2.78
CA ALA A 15 -5.78 2.25 1.69
C ALA A 15 -6.24 1.11 0.80
N SER A 16 -7.12 1.44 -0.14
CA SER A 16 -7.63 0.47 -1.09
C SER A 16 -6.74 0.46 -2.31
N CYS A 17 -6.82 -0.57 -3.14
CA CYS A 17 -5.96 -0.65 -4.29
C CYS A 17 -6.69 -0.92 -5.60
N ARG A 18 -6.02 -0.53 -6.67
CA ARG A 18 -6.50 -0.71 -8.04
C ARG A 18 -5.38 -1.35 -8.87
N ASP A 19 -4.16 -0.97 -8.52
CA ASP A 19 -2.94 -1.44 -9.16
C ASP A 19 -1.82 -1.27 -8.15
N ASP A 20 -0.77 -2.08 -8.21
CA ASP A 20 0.32 -1.96 -7.24
C ASP A 20 0.87 -0.53 -7.22
N SER A 21 0.93 0.09 -8.41
CA SER A 21 1.44 1.44 -8.55
C SER A 21 0.60 2.46 -7.79
N GLU A 22 -0.64 2.11 -7.50
CA GLU A 22 -1.55 2.98 -6.77
C GLU A 22 -1.12 3.08 -5.32
N CYS A 23 -0.49 2.02 -4.83
CA CYS A 23 -0.04 1.96 -3.46
C CYS A 23 1.44 2.35 -3.36
N ILE A 24 1.73 3.17 -2.37
CA ILE A 24 3.09 3.66 -2.13
C ILE A 24 4.11 2.51 -2.01
N THR A 25 3.70 1.42 -1.38
CA THR A 25 4.58 0.28 -1.20
C THR A 25 4.57 -0.68 -2.40
N ARG A 26 3.75 -0.39 -3.41
CA ARG A 26 3.63 -1.21 -4.60
C ARG A 26 3.36 -2.67 -4.25
N LEU A 27 2.27 -2.90 -3.54
CA LEU A 27 1.87 -4.24 -3.14
C LEU A 27 0.35 -4.30 -3.07
N CYS A 28 -0.25 -4.65 -4.19
CA CYS A 28 -1.70 -4.73 -4.32
C CYS A 28 -2.21 -6.12 -3.92
N ARG A 29 -2.32 -6.35 -2.61
CA ARG A 29 -2.78 -7.63 -2.10
C ARG A 29 -4.18 -7.49 -1.48
N LYS A 30 -5.06 -8.43 -1.81
CA LYS A 30 -6.43 -8.42 -1.31
C LYS A 30 -7.17 -7.19 -1.82
N ARG A 31 -6.72 -6.72 -2.98
CA ARG A 31 -7.29 -5.53 -3.62
C ARG A 31 -7.09 -4.28 -2.76
N ARG A 32 -6.13 -4.34 -1.86
CA ARG A 32 -5.83 -3.21 -0.98
C ARG A 32 -4.33 -3.09 -0.81
N CYS A 33 -3.89 -1.97 -0.25
CA CYS A 33 -2.48 -1.74 -0.04
C CYS A 33 -2.00 -2.49 1.19
N SER A 34 -0.70 -2.75 1.23
CA SER A 34 -0.08 -3.46 2.35
C SER A 34 1.39 -3.09 2.42
N LEU A 35 2.05 -3.47 3.50
CA LEU A 35 3.48 -3.19 3.66
C LEU A 35 4.28 -4.17 2.83
N SER A 36 5.57 -4.31 3.13
CA SER A 36 6.43 -5.24 2.41
C SER A 36 6.15 -6.69 2.81
N VAL A 37 4.88 -6.98 3.01
CA VAL A 37 4.41 -8.31 3.40
C VAL A 37 4.14 -9.15 2.17
N ALA A 38 5.19 -9.41 1.43
CA ALA A 38 5.08 -10.20 0.20
C ALA A 38 5.02 -11.69 0.50
N GLN A 39 5.45 -12.10 1.69
CA GLN A 39 5.42 -13.51 2.06
C GLN A 39 4.64 -13.70 3.34
N GLU A 40 4.07 -12.62 3.84
CA GLU A 40 3.30 -12.65 5.07
C GLU A 40 1.85 -12.27 4.79
N MET A 1 -10.36 9.64 7.09
CA MET A 1 -9.56 9.28 8.28
C MET A 1 -8.25 10.04 8.28
N THR A 2 -7.56 10.03 9.40
CA THR A 2 -6.28 10.72 9.52
C THR A 2 -5.22 10.00 8.69
N PRO A 3 -4.49 10.73 7.84
CA PRO A 3 -3.44 10.16 6.99
C PRO A 3 -2.20 9.82 7.81
N PHE A 4 -2.20 8.62 8.39
CA PHE A 4 -1.07 8.18 9.20
C PHE A 4 0.10 7.75 8.34
N TRP A 5 -0.17 6.89 7.36
CA TRP A 5 0.86 6.38 6.49
C TRP A 5 1.18 7.39 5.39
N ARG A 6 2.42 7.83 5.36
CA ARG A 6 2.87 8.81 4.37
C ARG A 6 4.26 8.47 3.86
N GLY A 7 4.81 9.35 3.03
CA GLY A 7 6.13 9.12 2.48
C GLY A 7 6.26 9.70 1.09
N VAL A 8 5.26 9.43 0.25
CA VAL A 8 5.24 9.92 -1.12
C VAL A 8 3.79 10.14 -1.55
N SER A 9 3.60 11.02 -2.53
CA SER A 9 2.27 11.34 -3.03
C SER A 9 1.66 10.18 -3.83
N LEU A 10 0.82 9.42 -3.16
CA LEU A 10 0.13 8.28 -3.72
C LEU A 10 -0.84 7.74 -2.66
N ARG A 11 -1.20 6.48 -2.77
CA ARG A 11 -2.13 5.89 -1.82
C ARG A 11 -1.37 5.25 -0.65
N PRO A 12 -1.80 5.55 0.59
CA PRO A 12 -1.16 5.04 1.82
C PRO A 12 -1.34 3.52 2.00
N ILE A 13 -0.67 2.99 3.01
CA ILE A 13 -0.70 1.56 3.32
C ILE A 13 -2.11 1.05 3.62
N GLY A 14 -2.72 1.62 4.64
CA GLY A 14 -4.06 1.19 5.05
C GLY A 14 -5.17 1.63 4.12
N ALA A 15 -4.91 1.67 2.82
CA ALA A 15 -5.93 2.08 1.87
C ALA A 15 -6.31 0.94 0.93
N SER A 16 -7.33 1.20 0.12
CA SER A 16 -7.79 0.22 -0.86
C SER A 16 -6.85 0.25 -2.06
N CYS A 17 -7.14 -0.52 -3.10
CA CYS A 17 -6.26 -0.53 -4.26
C CYS A 17 -6.96 -1.04 -5.52
N ARG A 18 -6.31 -0.76 -6.64
CA ARG A 18 -6.75 -1.19 -7.96
C ARG A 18 -5.54 -1.78 -8.68
N ASP A 19 -4.40 -1.14 -8.46
CA ASP A 19 -3.12 -1.54 -9.04
C ASP A 19 -2.01 -1.21 -8.05
N ASP A 20 -1.03 -2.10 -7.96
CA ASP A 20 0.10 -1.95 -7.04
C ASP A 20 0.80 -0.61 -7.19
N SER A 21 0.85 -0.13 -8.43
CA SER A 21 1.52 1.12 -8.78
C SER A 21 0.94 2.34 -8.06
N GLU A 22 -0.32 2.28 -7.63
CA GLU A 22 -0.92 3.42 -6.95
C GLU A 22 -0.65 3.37 -5.44
N CYS A 23 -0.17 2.23 -4.96
CA CYS A 23 0.09 2.07 -3.54
C CYS A 23 1.55 2.30 -3.21
N ILE A 24 1.77 3.01 -2.10
CA ILE A 24 3.12 3.32 -1.62
C ILE A 24 3.97 2.05 -1.48
N THR A 25 3.32 0.98 -1.04
CA THR A 25 4.00 -0.30 -0.84
C THR A 25 4.25 -1.04 -2.15
N ARG A 26 3.60 -0.59 -3.22
CA ARG A 26 3.72 -1.21 -4.54
C ARG A 26 3.25 -2.67 -4.50
N LEU A 27 2.33 -2.93 -3.58
CA LEU A 27 1.77 -4.26 -3.41
C LEU A 27 0.27 -4.17 -3.27
N CYS A 28 -0.44 -4.53 -4.32
CA CYS A 28 -1.88 -4.49 -4.32
C CYS A 28 -2.44 -5.83 -3.82
N ARG A 29 -2.17 -6.11 -2.54
CA ARG A 29 -2.59 -7.36 -1.92
C ARG A 29 -4.03 -7.27 -1.44
N LYS A 30 -4.83 -8.25 -1.85
CA LYS A 30 -6.24 -8.31 -1.47
C LYS A 30 -6.96 -7.05 -1.96
N ARG A 31 -6.48 -6.54 -3.10
CA ARG A 31 -7.03 -5.34 -3.74
C ARG A 31 -6.89 -4.13 -2.80
N ARG A 32 -5.85 -4.17 -1.98
CA ARG A 32 -5.56 -3.10 -1.04
C ARG A 32 -4.07 -2.82 -1.08
N CYS A 33 -3.63 -1.79 -0.38
CA CYS A 33 -2.22 -1.41 -0.35
C CYS A 33 -1.47 -2.15 0.75
N SER A 34 -2.08 -3.22 1.19
CA SER A 34 -1.53 -4.09 2.23
C SER A 34 -0.07 -4.45 1.95
N LEU A 35 0.75 -4.43 2.99
CA LEU A 35 2.16 -4.76 2.88
C LEU A 35 2.35 -6.27 2.91
N SER A 36 3.58 -6.70 3.12
CA SER A 36 3.92 -8.12 3.17
C SER A 36 3.46 -8.76 4.49
N VAL A 37 2.18 -8.61 4.80
CA VAL A 37 1.60 -9.17 6.01
C VAL A 37 0.98 -10.53 5.74
N ALA A 38 1.67 -11.33 4.92
CA ALA A 38 1.19 -12.66 4.56
C ALA A 38 2.30 -13.47 3.91
N GLN A 39 2.02 -14.75 3.68
CA GLN A 39 2.97 -15.65 3.06
C GLN A 39 2.39 -16.15 1.74
N GLU A 40 2.01 -15.20 0.90
CA GLU A 40 1.42 -15.48 -0.40
C GLU A 40 2.04 -14.58 -1.45
N MET A 1 4.16 12.38 15.35
CA MET A 1 5.15 11.63 14.55
C MET A 1 4.95 11.92 13.08
N THR A 2 5.98 11.71 12.28
CA THR A 2 5.92 11.95 10.85
C THR A 2 5.19 10.82 10.14
N PRO A 3 4.09 11.13 9.45
CA PRO A 3 3.30 10.14 8.71
C PRO A 3 3.96 9.77 7.39
N PHE A 4 5.02 8.97 7.47
CA PHE A 4 5.76 8.52 6.29
C PHE A 4 4.85 7.80 5.30
N TRP A 5 3.86 7.09 5.82
CA TRP A 5 2.93 6.35 4.97
C TRP A 5 1.97 7.28 4.24
N ARG A 6 2.06 8.57 4.54
CA ARG A 6 1.20 9.56 3.91
C ARG A 6 2.04 10.63 3.22
N GLY A 7 3.34 10.38 3.14
CA GLY A 7 4.24 11.33 2.52
C GLY A 7 4.55 10.93 1.09
N VAL A 8 3.51 10.59 0.35
CA VAL A 8 3.66 10.17 -1.03
C VAL A 8 2.45 10.64 -1.85
N SER A 9 2.59 10.62 -3.16
CA SER A 9 1.52 11.04 -4.05
C SER A 9 0.69 9.85 -4.49
N LEU A 10 0.78 8.78 -3.72
CA LEU A 10 0.06 7.56 -4.00
C LEU A 10 -0.83 7.22 -2.81
N ARG A 11 -1.32 6.01 -2.80
CA ARG A 11 -2.19 5.53 -1.74
C ARG A 11 -1.39 4.90 -0.60
N PRO A 12 -1.82 5.15 0.64
CA PRO A 12 -1.14 4.60 1.82
C PRO A 12 -1.48 3.13 2.01
N ILE A 13 -0.65 2.41 2.76
CA ILE A 13 -0.84 0.98 3.00
C ILE A 13 -2.23 0.71 3.58
N GLY A 14 -2.66 1.60 4.47
CA GLY A 14 -3.95 1.45 5.09
C GLY A 14 -5.10 1.92 4.22
N ALA A 15 -5.05 1.63 2.92
CA ALA A 15 -6.09 2.05 2.00
C ALA A 15 -6.43 0.96 0.99
N SER A 16 -7.36 1.30 0.10
CA SER A 16 -7.78 0.38 -0.95
C SER A 16 -6.87 0.51 -2.16
N CYS A 17 -6.88 -0.49 -3.03
CA CYS A 17 -6.01 -0.49 -4.20
C CYS A 17 -6.74 -0.92 -5.46
N ARG A 18 -6.10 -0.65 -6.58
CA ARG A 18 -6.58 -1.02 -7.91
C ARG A 18 -5.43 -1.60 -8.72
N ASP A 19 -4.23 -1.11 -8.42
CA ASP A 19 -2.98 -1.54 -9.07
C ASP A 19 -1.87 -1.34 -8.07
N ASP A 20 -0.87 -2.22 -8.05
CA ASP A 20 0.22 -2.11 -7.09
C ASP A 20 0.87 -0.73 -7.15
N SER A 21 1.00 -0.20 -8.37
CA SER A 21 1.65 1.09 -8.61
C SER A 21 0.88 2.25 -7.97
N GLU A 22 -0.39 2.03 -7.63
CA GLU A 22 -1.20 3.06 -7.01
C GLU A 22 -0.93 3.14 -5.52
N CYS A 23 -0.26 2.14 -4.99
CA CYS A 23 0.05 2.09 -3.57
C CYS A 23 1.50 2.46 -3.31
N ILE A 24 1.74 3.13 -2.20
CA ILE A 24 3.07 3.55 -1.79
C ILE A 24 4.02 2.36 -1.67
N THR A 25 3.48 1.25 -1.19
CA THR A 25 4.24 0.02 -1.02
C THR A 25 4.34 -0.78 -2.31
N ARG A 26 3.59 -0.36 -3.34
CA ARG A 26 3.55 -1.04 -4.63
C ARG A 26 3.21 -2.52 -4.45
N LEU A 27 2.29 -2.78 -3.54
CA LEU A 27 1.84 -4.13 -3.25
C LEU A 27 0.32 -4.15 -3.15
N CYS A 28 -0.33 -4.53 -4.23
CA CYS A 28 -1.79 -4.58 -4.28
C CYS A 28 -2.29 -5.93 -3.77
N ARG A 29 -2.25 -6.11 -2.46
CA ARG A 29 -2.67 -7.35 -1.84
C ARG A 29 -4.13 -7.28 -1.42
N LYS A 30 -4.93 -8.22 -1.94
CA LYS A 30 -6.36 -8.31 -1.62
C LYS A 30 -7.08 -7.01 -1.99
N ARG A 31 -6.66 -6.44 -3.12
CA ARG A 31 -7.24 -5.19 -3.63
C ARG A 31 -7.02 -4.04 -2.65
N ARG A 32 -5.97 -4.16 -1.84
CA ARG A 32 -5.62 -3.12 -0.87
C ARG A 32 -4.13 -2.85 -0.94
N CYS A 33 -3.70 -1.79 -0.28
CA CYS A 33 -2.29 -1.40 -0.27
C CYS A 33 -1.53 -2.13 0.82
N SER A 34 -2.17 -3.15 1.35
CA SER A 34 -1.63 -4.01 2.41
C SER A 34 -0.17 -4.38 2.18
N LEU A 35 0.60 -4.36 3.26
CA LEU A 35 2.00 -4.71 3.23
C LEU A 35 2.14 -6.23 3.26
N SER A 36 3.31 -6.71 3.66
CA SER A 36 3.57 -8.15 3.76
C SER A 36 2.82 -8.77 4.93
N VAL A 37 1.58 -8.37 5.11
CA VAL A 37 0.74 -8.87 6.21
C VAL A 37 -0.62 -9.28 5.67
N ALA A 38 -0.69 -9.49 4.36
CA ALA A 38 -1.93 -9.87 3.72
C ALA A 38 -1.84 -11.27 3.13
N GLN A 39 -1.51 -12.24 3.98
CA GLN A 39 -1.40 -13.63 3.55
C GLN A 39 -1.72 -14.55 4.72
N GLU A 40 -2.37 -15.65 4.42
CA GLU A 40 -2.76 -16.62 5.43
C GLU A 40 -2.37 -18.02 4.94
N MET A 1 12.00 -6.96 5.80
CA MET A 1 12.21 -5.85 4.84
C MET A 1 11.61 -4.57 5.40
N THR A 2 12.29 -3.45 5.18
CA THR A 2 11.82 -2.16 5.66
C THR A 2 10.93 -1.50 4.61
N PRO A 3 9.64 -1.33 4.90
CA PRO A 3 8.69 -0.71 3.98
C PRO A 3 8.82 0.81 3.97
N PHE A 4 8.58 1.41 2.81
CA PHE A 4 8.67 2.85 2.68
C PHE A 4 7.29 3.46 2.47
N TRP A 5 6.51 3.49 3.54
CA TRP A 5 5.16 4.05 3.49
C TRP A 5 5.18 5.56 3.72
N ARG A 6 6.33 6.17 3.48
CA ARG A 6 6.49 7.60 3.66
C ARG A 6 7.32 8.19 2.52
N GLY A 7 6.74 9.11 1.78
CA GLY A 7 7.46 9.73 0.68
C GLY A 7 6.53 10.31 -0.38
N VAL A 8 6.29 9.54 -1.43
CA VAL A 8 5.42 9.97 -2.52
C VAL A 8 3.95 9.98 -2.08
N SER A 9 3.17 10.89 -2.65
CA SER A 9 1.76 11.02 -2.32
C SER A 9 0.88 10.13 -3.19
N LEU A 10 0.31 9.10 -2.58
CA LEU A 10 -0.58 8.16 -3.24
C LEU A 10 -1.28 7.33 -2.19
N ARG A 11 -1.60 6.10 -2.49
CA ARG A 11 -2.30 5.25 -1.53
C ARG A 11 -1.34 4.67 -0.49
N PRO A 12 -1.55 5.03 0.80
CA PRO A 12 -0.73 4.54 1.90
C PRO A 12 -1.04 3.08 2.24
N ILE A 13 -0.69 2.67 3.45
CA ILE A 13 -0.91 1.30 3.90
C ILE A 13 -2.38 0.93 3.96
N GLY A 14 -3.07 1.54 4.89
CA GLY A 14 -4.49 1.27 5.08
C GLY A 14 -5.35 1.88 4.00
N ALA A 15 -4.96 1.72 2.75
CA ALA A 15 -5.73 2.26 1.65
C ALA A 15 -6.23 1.16 0.71
N SER A 16 -7.12 1.53 -0.18
CA SER A 16 -7.66 0.60 -1.15
C SER A 16 -6.75 0.55 -2.37
N CYS A 17 -6.78 -0.55 -3.10
CA CYS A 17 -5.91 -0.69 -4.26
C CYS A 17 -6.66 -1.01 -5.54
N ARG A 18 -5.98 -0.74 -6.64
CA ARG A 18 -6.46 -1.01 -7.99
C ARG A 18 -5.35 -1.65 -8.80
N ASP A 19 -4.14 -1.22 -8.50
CA ASP A 19 -2.91 -1.69 -9.13
C ASP A 19 -1.78 -1.47 -8.13
N ASP A 20 -0.72 -2.26 -8.17
CA ASP A 20 0.37 -2.09 -7.21
C ASP A 20 0.87 -0.65 -7.18
N SER A 21 0.92 -0.03 -8.36
CA SER A 21 1.41 1.35 -8.51
C SER A 21 0.53 2.34 -7.76
N GLU A 22 -0.71 1.95 -7.47
CA GLU A 22 -1.64 2.81 -6.76
C GLU A 22 -1.20 2.97 -5.31
N CYS A 23 -0.54 1.93 -4.79
CA CYS A 23 -0.08 1.93 -3.42
C CYS A 23 1.40 2.33 -3.37
N ILE A 24 1.72 3.12 -2.36
CA ILE A 24 3.07 3.63 -2.15
C ILE A 24 4.13 2.51 -2.12
N THR A 25 3.81 1.42 -1.47
CA THR A 25 4.74 0.29 -1.37
C THR A 25 4.72 -0.61 -2.61
N ARG A 26 3.89 -0.26 -3.60
CA ARG A 26 3.76 -1.04 -4.83
C ARG A 26 3.44 -2.49 -4.52
N LEU A 27 2.48 -2.69 -3.63
CA LEU A 27 2.06 -4.03 -3.24
C LEU A 27 0.54 -4.08 -3.15
N CYS A 28 -0.08 -4.55 -4.22
CA CYS A 28 -1.52 -4.65 -4.28
C CYS A 28 -1.97 -6.02 -3.76
N ARG A 29 -2.45 -6.04 -2.53
CA ARG A 29 -2.88 -7.28 -1.90
C ARG A 29 -4.36 -7.25 -1.55
N LYS A 30 -5.10 -8.25 -2.04
CA LYS A 30 -6.55 -8.40 -1.80
C LYS A 30 -7.33 -7.11 -2.08
N ARG A 31 -6.87 -6.39 -3.11
CA ARG A 31 -7.49 -5.13 -3.54
C ARG A 31 -7.24 -4.01 -2.53
N ARG A 32 -6.22 -4.16 -1.72
CA ARG A 32 -5.84 -3.16 -0.73
C ARG A 32 -4.34 -3.01 -0.73
N CYS A 33 -3.85 -2.01 -0.03
CA CYS A 33 -2.42 -1.78 0.06
C CYS A 33 -1.84 -2.54 1.24
N SER A 34 -0.56 -2.84 1.16
CA SER A 34 0.13 -3.57 2.22
C SER A 34 1.63 -3.25 2.19
N LEU A 35 2.30 -3.59 3.28
CA LEU A 35 3.74 -3.36 3.39
C LEU A 35 4.47 -4.66 3.13
N SER A 36 5.70 -4.75 3.60
CA SER A 36 6.50 -5.96 3.45
C SER A 36 5.97 -7.04 4.40
N VAL A 37 4.79 -7.54 4.09
CA VAL A 37 4.13 -8.55 4.87
C VAL A 37 3.45 -9.56 3.94
N ALA A 38 4.20 -10.57 3.58
CA ALA A 38 3.72 -11.63 2.69
C ALA A 38 2.75 -12.58 3.40
N GLN A 39 1.70 -12.02 3.97
CA GLN A 39 0.69 -12.78 4.67
C GLN A 39 -0.69 -12.31 4.21
N GLU A 40 -1.46 -13.20 3.62
CA GLU A 40 -2.78 -12.88 3.11
C GLU A 40 -3.80 -12.79 4.25
#